data_3HMV
#
_entry.id   3HMV
#
_cell.length_a   57.309
_cell.length_b   57.309
_cell.length_c   251.718
_cell.angle_alpha   90.00
_cell.angle_beta   90.00
_cell.angle_gamma   90.00
#
_symmetry.space_group_name_H-M   'P 41'
#
loop_
_entity.id
_entity.type
_entity.pdbx_description
1 polymer "cAMP-specific 3',5'-cyclic phosphodiesterase 4B"
2 non-polymer 'ZINC ION'
3 non-polymer 'MAGNESIUM ION'
4 non-polymer (6S)-6-methyl-2-{[(2-nitrophenyl)carbonyl]amino}-4,5,6,7-tetrahydro-1-benzothiophene-3-carboxamide
5 non-polymer GLYCEROL
6 water water
#
_entity_poly.entity_id   1
_entity_poly.type   'polypeptide(L)'
_entity_poly.pdbx_seq_one_letter_code
;MSISRFGVNTENEDHLAKELEDLNKWGLNIFNVAGYSHNRPLTCIMYAIFQERDLLKTFRISSDTFITYMMTLEDHYHSD
VAYHNSLHAADVAQSTHVLLSTPALDAVFTDLEILAAIFAAAIHDVDHPGVSNQFLINTNSELALMYNDESVLENHHLAV
GFKLLQEEHCDIFMNLTKKQRQTLRKMVIDMVLATDMSKHMSLLADLKTMVETKKVTSSGVLLLDNYTDRIQVLRNMVHC
ADLSNPTKSLELYRQWTDRIMEEFFQQGDKERERGMEISPMCDKHTASVEKSQVGFIDYIVHPLWETWADLVQPDAQDIL
DTLEDNRNWYQAMIPQAPAPPLDEQNRDCQGLMEKFQFELTLDEEDSEGPEKEGEGHS
;
_entity_poly.pdbx_strand_id   A,B
#
loop_
_chem_comp.id
_chem_comp.type
_chem_comp.name
_chem_comp.formula
GOL non-polymer GLYCEROL 'C3 H8 O3'
HBT non-polymer (6S)-6-methyl-2-{[(2-nitrophenyl)carbonyl]amino}-4,5,6,7-tetrahydro-1-benzothiophene-3-carboxamide 'C17 H17 N3 O4 S'
MG non-polymer 'MAGNESIUM ION' 'Mg 2'
ZN non-polymer 'ZINC ION' 'Zn 2'
#
# COMPACT_ATOMS: atom_id res chain seq x y z
N SER A 2 7.32 22.52 -28.34
CA SER A 2 8.40 23.08 -29.20
C SER A 2 9.82 22.62 -28.79
N ILE A 3 10.25 21.50 -29.37
CA ILE A 3 11.66 21.01 -29.38
C ILE A 3 12.46 20.57 -28.12
N SER A 4 12.45 19.26 -27.82
CA SER A 4 13.14 18.68 -26.63
C SER A 4 14.69 18.44 -26.73
N ARG A 5 15.46 19.53 -26.77
CA ARG A 5 16.92 19.44 -26.56
C ARG A 5 17.14 19.64 -25.06
N PHE A 6 16.12 20.21 -24.43
CA PHE A 6 16.07 20.42 -23.01
C PHE A 6 14.97 19.50 -22.53
N GLY A 7 14.57 18.59 -23.40
CA GLY A 7 13.64 17.51 -23.04
C GLY A 7 12.21 17.96 -22.78
N VAL A 8 11.97 19.26 -22.97
CA VAL A 8 10.68 19.88 -22.63
C VAL A 8 10.21 20.87 -23.70
N ASN A 9 8.93 21.20 -23.70
CA ASN A 9 8.37 22.21 -24.63
C ASN A 9 8.62 23.61 -24.11
N THR A 10 8.80 24.58 -25.00
CA THR A 10 9.08 25.91 -24.52
C THR A 10 9.00 26.91 -25.64
N GLU A 11 8.81 28.19 -25.31
CA GLU A 11 8.79 29.27 -26.29
C GLU A 11 9.80 30.36 -25.92
N ASN A 12 10.66 30.04 -24.97
CA ASN A 12 11.72 30.93 -24.56
C ASN A 12 12.98 30.14 -24.31
N GLU A 13 13.47 29.46 -25.35
CA GLU A 13 14.64 28.62 -25.18
C GLU A 13 15.80 29.52 -24.76
N ASP A 14 15.80 30.73 -25.29
CA ASP A 14 16.81 31.70 -24.89
C ASP A 14 16.77 31.98 -23.39
N HIS A 15 15.58 32.17 -22.80
CA HIS A 15 15.53 32.40 -21.36
C HIS A 15 15.66 31.10 -20.55
N LEU A 16 15.31 29.97 -21.18
CA LEU A 16 15.46 28.68 -20.45
C LEU A 16 16.95 28.36 -20.37
N ALA A 17 17.62 28.47 -21.50
CA ALA A 17 19.05 28.30 -21.58
C ALA A 17 19.76 29.20 -20.58
N LYS A 18 19.47 30.49 -20.65
CA LYS A 18 20.11 31.45 -19.74
C LYS A 18 20.00 30.96 -18.31
N GLU A 19 18.78 30.63 -17.94
CA GLU A 19 18.51 30.11 -16.61
C GLU A 19 19.29 28.81 -16.28
N LEU A 20 19.34 27.87 -17.23
CA LEU A 20 20.10 26.60 -17.01
C LEU A 20 21.63 26.78 -17.01
N GLU A 21 22.13 27.95 -17.42
CA GLU A 21 23.53 28.29 -17.16
C GLU A 21 23.89 28.10 -15.67
N ASP A 22 22.99 28.43 -14.76
CA ASP A 22 23.25 28.27 -13.35
C ASP A 22 22.90 26.85 -12.89
N LEU A 23 23.00 25.87 -13.78
CA LEU A 23 22.63 24.48 -13.37
C LEU A 23 23.47 23.99 -12.20
N ASN A 24 24.75 24.28 -12.24
CA ASN A 24 25.65 23.83 -11.19
C ASN A 24 25.74 24.72 -9.97
N LYS A 25 24.88 25.74 -9.85
CA LYS A 25 25.00 26.65 -8.72
C LYS A 25 23.82 26.67 -7.78
N TRP A 26 24.10 26.99 -6.54
CA TRP A 26 23.08 27.09 -5.52
C TRP A 26 22.02 28.15 -5.90
N GLY A 27 22.45 29.17 -6.64
CA GLY A 27 21.57 30.28 -7.03
C GLY A 27 20.64 30.05 -8.22
N LEU A 28 20.67 28.88 -8.82
CA LEU A 28 19.74 28.61 -9.89
C LEU A 28 18.34 28.97 -9.44
N ASN A 29 17.51 29.47 -10.34
CA ASN A 29 16.13 29.75 -10.02
C ASN A 29 15.16 28.73 -10.64
N ILE A 30 14.73 27.69 -9.91
CA ILE A 30 13.79 26.65 -10.44
C ILE A 30 12.38 27.21 -10.73
N PHE A 31 12.03 28.34 -10.13
CA PHE A 31 10.75 28.96 -10.50
C PHE A 31 10.79 29.38 -11.92
N ASN A 32 11.93 29.92 -12.32
CA ASN A 32 12.09 30.38 -13.69
C ASN A 32 12.17 29.22 -14.70
N VAL A 33 12.92 28.18 -14.34
CA VAL A 33 12.97 26.98 -15.14
C VAL A 33 11.57 26.45 -15.31
N ALA A 34 10.80 26.47 -14.23
CA ALA A 34 9.40 26.06 -14.26
C ALA A 34 8.59 26.87 -15.28
N GLY A 35 8.64 28.19 -15.14
CA GLY A 35 7.93 29.09 -16.05
C GLY A 35 8.36 29.02 -17.50
N TYR A 36 9.57 28.52 -17.76
CA TYR A 36 9.99 28.42 -19.16
C TYR A 36 10.03 26.97 -19.67
N SER A 37 9.28 26.07 -19.03
CA SER A 37 9.26 24.66 -19.42
C SER A 37 7.84 24.08 -19.49
N HIS A 38 6.84 24.94 -19.64
CA HIS A 38 5.44 24.53 -19.54
C HIS A 38 5.17 23.74 -18.26
N ASN A 39 5.78 24.21 -17.18
CA ASN A 39 5.70 23.59 -15.85
C ASN A 39 6.08 22.09 -15.85
N ARG A 40 7.29 21.86 -16.33
CA ARG A 40 7.96 20.56 -16.33
C ARG A 40 9.33 20.78 -15.70
N PRO A 41 9.38 21.51 -14.58
CA PRO A 41 10.66 21.77 -13.95
C PRO A 41 11.40 20.48 -13.61
N LEU A 42 10.68 19.47 -13.17
CA LEU A 42 11.33 18.19 -12.82
C LEU A 42 11.95 17.46 -14.03
N THR A 43 11.17 17.22 -15.08
CA THR A 43 11.70 16.61 -16.29
C THR A 43 12.89 17.41 -16.83
N CYS A 44 12.73 18.74 -16.84
CA CYS A 44 13.71 19.63 -17.46
C CYS A 44 15.04 19.58 -16.72
N ILE A 45 14.97 19.74 -15.39
CA ILE A 45 16.19 19.84 -14.56
C ILE A 45 16.88 18.49 -14.44
N MET A 46 16.11 17.41 -14.38
CA MET A 46 16.70 16.07 -14.35
C MET A 46 17.36 15.73 -15.70
N TYR A 47 16.78 16.24 -16.77
CA TYR A 47 17.36 15.96 -18.07
C TYR A 47 18.69 16.71 -18.18
N ALA A 48 18.74 17.94 -17.65
CA ALA A 48 19.97 18.71 -17.68
C ALA A 48 21.03 18.12 -16.77
N ILE A 49 20.64 17.79 -15.55
CA ILE A 49 21.58 17.24 -14.60
C ILE A 49 22.26 15.94 -15.12
N PHE A 50 21.46 15.03 -15.65
CA PHE A 50 22.01 13.79 -16.18
C PHE A 50 22.96 14.05 -17.37
N GLN A 51 22.62 14.94 -18.31
CA GLN A 51 23.58 15.14 -19.44
C GLN A 51 24.84 15.77 -18.86
N GLU A 52 24.66 16.75 -17.99
CA GLU A 52 25.78 17.39 -17.30
C GLU A 52 26.74 16.41 -16.60
N ARG A 53 26.19 15.40 -15.91
CA ARG A 53 27.03 14.36 -15.30
C ARG A 53 27.36 13.14 -16.20
N ASP A 54 27.07 13.23 -17.49
CA ASP A 54 27.27 12.11 -18.43
C ASP A 54 26.65 10.82 -17.84
N LEU A 55 25.51 10.95 -17.16
CA LEU A 55 24.88 9.79 -16.53
C LEU A 55 24.10 8.90 -17.48
N LEU A 56 23.44 9.49 -18.48
CA LEU A 56 22.76 8.72 -19.53
C LEU A 56 23.73 7.84 -20.33
N LYS A 57 24.97 8.33 -20.48
CA LYS A 57 26.02 7.56 -21.18
C LYS A 57 26.53 6.45 -20.29
N THR A 58 26.91 6.82 -19.07
CA THR A 58 27.49 5.87 -18.17
C THR A 58 26.55 4.69 -17.94
N PHE A 59 25.24 4.93 -17.95
CA PHE A 59 24.29 3.87 -17.64
C PHE A 59 23.38 3.47 -18.80
N ARG A 60 23.82 3.80 -20.02
CA ARG A 60 23.08 3.44 -21.23
C ARG A 60 21.56 3.60 -21.07
N ILE A 61 21.12 4.83 -20.81
CA ILE A 61 19.71 5.15 -20.68
C ILE A 61 19.37 6.00 -21.88
N SER A 62 18.45 5.56 -22.72
CA SER A 62 18.05 6.40 -23.86
C SER A 62 17.33 7.70 -23.42
N SER A 63 17.50 8.73 -24.23
CA SER A 63 16.85 9.99 -24.08
C SER A 63 15.34 9.78 -23.96
N ASP A 64 14.77 8.91 -24.80
CA ASP A 64 13.33 8.63 -24.80
C ASP A 64 12.91 7.92 -23.50
N THR A 65 13.59 6.82 -23.15
CA THR A 65 13.34 6.13 -21.89
C THR A 65 13.33 7.15 -20.76
N PHE A 66 14.41 7.91 -20.66
CA PHE A 66 14.60 8.91 -19.61
C PHE A 66 13.49 9.99 -19.63
N ILE A 67 13.16 10.58 -20.79
CA ILE A 67 12.12 11.61 -20.80
C ILE A 67 10.75 10.97 -20.53
N THR A 68 10.56 9.75 -21.01
CA THR A 68 9.29 9.07 -20.77
C THR A 68 9.10 8.81 -19.30
N TYR A 69 10.13 8.36 -18.62
CA TYR A 69 10.00 8.10 -17.19
C TYR A 69 9.82 9.40 -16.38
N MET A 70 10.72 10.36 -16.60
CA MET A 70 10.66 11.62 -15.86
C MET A 70 9.33 12.33 -16.03
N MET A 71 8.83 12.34 -17.27
CA MET A 71 7.51 12.90 -17.53
C MET A 71 6.45 12.22 -16.65
N THR A 72 6.53 10.88 -16.56
CA THR A 72 5.55 10.10 -15.83
C THR A 72 5.73 10.36 -14.35
N LEU A 73 6.98 10.39 -13.92
CA LEU A 73 7.25 10.67 -12.53
C LEU A 73 6.66 12.05 -12.21
N GLU A 74 6.97 13.05 -13.05
CA GLU A 74 6.45 14.42 -12.87
C GLU A 74 4.91 14.42 -12.84
N ASP A 75 4.27 13.68 -13.75
CA ASP A 75 2.82 13.48 -13.67
C ASP A 75 2.34 12.97 -12.29
N HIS A 76 3.19 12.27 -11.54
CA HIS A 76 2.73 11.67 -10.28
C HIS A 76 2.85 12.56 -9.02
N TYR A 77 3.45 13.74 -9.20
CA TYR A 77 3.35 14.81 -8.22
C TYR A 77 2.05 15.59 -8.45
N HIS A 78 1.26 15.80 -7.39
CA HIS A 78 -0.05 16.43 -7.49
C HIS A 78 0.09 17.92 -7.75
N SER A 79 -0.37 18.41 -8.90
CA SER A 79 -0.21 19.84 -9.20
C SER A 79 -1.10 20.76 -8.34
N ASP A 80 -2.09 20.17 -7.68
CA ASP A 80 -3.03 20.89 -6.82
C ASP A 80 -2.58 20.92 -5.36
N VAL A 81 -1.39 20.38 -5.10
CA VAL A 81 -0.81 20.48 -3.77
C VAL A 81 0.21 21.61 -3.83
N ALA A 82 0.13 22.54 -2.88
CA ALA A 82 0.85 23.81 -2.99
C ALA A 82 2.39 23.73 -2.90
N TYR A 83 2.92 22.83 -2.08
CA TYR A 83 4.37 22.74 -1.87
C TYR A 83 4.93 21.44 -2.40
N HIS A 84 4.32 20.32 -2.03
CA HIS A 84 4.84 19.00 -2.44
C HIS A 84 4.39 18.58 -3.82
N ASN A 85 4.71 19.44 -4.78
CA ASN A 85 4.48 19.18 -6.18
C ASN A 85 5.84 19.05 -6.87
N SER A 86 5.85 19.10 -8.20
CA SER A 86 7.07 18.75 -8.93
C SER A 86 8.16 19.83 -8.87
N LEU A 87 7.76 21.06 -8.61
CA LEU A 87 8.75 22.11 -8.40
C LEU A 87 9.63 21.72 -7.20
N HIS A 88 9.00 21.22 -6.13
CA HIS A 88 9.81 20.86 -4.95
C HIS A 88 10.78 19.74 -5.29
N ALA A 89 10.29 18.75 -6.00
CA ALA A 89 11.13 17.61 -6.33
C ALA A 89 12.30 18.07 -7.23
N ALA A 90 12.03 18.98 -8.16
CA ALA A 90 13.11 19.46 -9.03
C ALA A 90 14.16 20.18 -8.24
N ASP A 91 13.69 21.00 -7.31
CA ASP A 91 14.55 21.78 -6.47
C ASP A 91 15.47 20.86 -5.67
N VAL A 92 14.90 19.82 -5.06
CA VAL A 92 15.69 18.96 -4.18
C VAL A 92 16.67 18.17 -5.02
N ALA A 93 16.24 17.78 -6.22
CA ALA A 93 17.15 17.07 -7.17
C ALA A 93 18.30 18.00 -7.53
N GLN A 94 17.97 19.23 -7.97
CA GLN A 94 19.03 20.14 -8.36
C GLN A 94 19.94 20.49 -7.16
N SER A 95 19.37 20.57 -5.99
CA SER A 95 20.17 20.90 -4.82
C SER A 95 21.12 19.76 -4.48
N THR A 96 20.66 18.51 -4.59
CA THR A 96 21.54 17.37 -4.37
C THR A 96 22.68 17.37 -5.41
N HIS A 97 22.34 17.67 -6.66
CA HIS A 97 23.39 17.78 -7.65
C HIS A 97 24.48 18.73 -7.18
N VAL A 98 24.11 19.90 -6.67
CA VAL A 98 25.17 20.82 -6.23
C VAL A 98 25.93 20.31 -5.02
N LEU A 99 25.23 19.79 -4.02
CA LEU A 99 25.90 19.25 -2.85
C LEU A 99 26.88 18.19 -3.23
N LEU A 100 26.47 17.30 -4.15
CA LEU A 100 27.38 16.28 -4.64
C LEU A 100 28.67 16.87 -5.22
N SER A 101 28.64 18.09 -5.73
CA SER A 101 29.86 18.61 -6.35
C SER A 101 30.80 19.26 -5.35
N THR A 102 30.42 19.30 -4.08
CA THR A 102 31.22 20.06 -3.12
C THR A 102 32.66 19.55 -3.08
N PRO A 103 33.59 20.50 -2.95
CA PRO A 103 34.99 20.09 -3.10
C PRO A 103 35.45 19.09 -2.05
N ALA A 104 34.95 19.19 -0.82
CA ALA A 104 35.36 18.20 0.20
C ALA A 104 34.94 16.75 -0.16
N LEU A 105 34.02 16.60 -1.10
CA LEU A 105 33.54 15.27 -1.49
C LEU A 105 34.07 14.80 -2.88
N ASP A 106 35.02 15.55 -3.44
CA ASP A 106 35.61 15.24 -4.74
C ASP A 106 35.94 13.75 -4.88
N ALA A 107 35.31 13.08 -5.85
CA ALA A 107 35.60 11.69 -6.19
C ALA A 107 35.40 10.69 -5.05
N VAL A 108 34.72 11.12 -4.00
CA VAL A 108 34.43 10.24 -2.87
C VAL A 108 33.39 9.18 -3.23
N PHE A 109 32.42 9.54 -4.07
CA PHE A 109 31.33 8.61 -4.42
C PHE A 109 31.48 7.94 -5.78
N THR A 110 30.94 6.73 -5.92
CA THR A 110 30.89 6.04 -7.20
C THR A 110 29.83 6.67 -8.08
N ASP A 111 29.87 6.36 -9.37
CA ASP A 111 28.85 6.83 -10.28
C ASP A 111 27.49 6.26 -9.91
N LEU A 112 27.49 5.07 -9.34
CA LEU A 112 26.26 4.41 -8.94
C LEU A 112 25.63 5.19 -7.78
N GLU A 113 26.43 5.53 -6.77
CA GLU A 113 25.95 6.38 -5.67
C GLU A 113 25.44 7.73 -6.19
N ILE A 114 26.16 8.34 -7.14
CA ILE A 114 25.70 9.62 -7.67
C ILE A 114 24.29 9.44 -8.26
N LEU A 115 24.14 8.42 -9.08
CA LEU A 115 22.88 8.12 -9.74
C LEU A 115 21.80 7.93 -8.71
N ALA A 116 22.05 7.07 -7.72
CA ALA A 116 21.05 6.83 -6.66
C ALA A 116 20.60 8.11 -5.93
N ALA A 117 21.54 8.97 -5.62
CA ALA A 117 21.23 10.10 -4.74
C ALA A 117 20.35 11.06 -5.51
N ILE A 118 20.65 11.24 -6.79
CA ILE A 118 19.88 12.19 -7.60
C ILE A 118 18.49 11.64 -7.88
N PHE A 119 18.42 10.34 -8.07
CA PHE A 119 17.15 9.67 -8.33
C PHE A 119 16.30 9.72 -7.06
N ALA A 120 16.88 9.33 -5.93
CA ALA A 120 16.15 9.47 -4.65
C ALA A 120 15.57 10.91 -4.49
N ALA A 121 16.40 11.94 -4.69
CA ALA A 121 15.92 13.29 -4.55
C ALA A 121 14.70 13.51 -5.45
N ALA A 122 14.77 13.01 -6.68
CA ALA A 122 13.71 13.30 -7.64
C ALA A 122 12.41 12.62 -7.23
N ILE A 123 12.50 11.41 -6.64
CA ILE A 123 11.27 10.69 -6.31
C ILE A 123 10.80 10.88 -4.84
N HIS A 124 11.59 11.57 -4.02
CA HIS A 124 11.43 11.45 -2.57
C HIS A 124 10.07 11.88 -2.04
N ASP A 125 9.32 12.69 -2.80
CA ASP A 125 7.99 13.13 -2.34
C ASP A 125 6.88 12.76 -3.34
N VAL A 126 7.15 11.81 -4.24
CA VAL A 126 6.18 11.56 -5.31
C VAL A 126 4.80 11.07 -4.85
N ASP A 127 3.76 11.59 -5.48
CA ASP A 127 2.39 11.28 -5.11
C ASP A 127 2.05 11.69 -3.69
N HIS A 128 2.68 12.77 -3.23
CA HIS A 128 2.41 13.30 -1.91
C HIS A 128 0.97 13.88 -1.95
N PRO A 129 0.13 13.53 -0.99
CA PRO A 129 -1.27 14.08 -1.01
C PRO A 129 -1.39 15.42 -0.31
N GLY A 130 -0.29 15.98 0.16
CA GLY A 130 -0.36 17.27 0.83
C GLY A 130 -0.81 17.20 2.27
N VAL A 131 -0.73 16.05 2.91
CA VAL A 131 -1.05 15.92 4.34
C VAL A 131 0.07 15.11 4.98
N SER A 132 0.20 15.23 6.30
CA SER A 132 1.28 14.56 7.00
C SER A 132 1.04 13.07 7.27
N ASN A 133 2.11 12.35 7.57
CA ASN A 133 2.03 10.99 8.13
C ASN A 133 1.05 10.87 9.27
N GLN A 134 1.17 11.77 10.23
CA GLN A 134 0.29 11.71 11.38
C GLN A 134 -1.19 11.91 10.96
N PHE A 135 -1.44 12.81 10.03
CA PHE A 135 -2.81 12.99 9.54
C PHE A 135 -3.31 11.67 8.96
N LEU A 136 -2.44 10.97 8.22
CA LEU A 136 -2.91 9.80 7.51
C LEU A 136 -3.19 8.70 8.52
N ILE A 137 -2.33 8.62 9.54
CA ILE A 137 -2.50 7.63 10.59
C ILE A 137 -3.79 7.88 11.41
N ASN A 138 -4.04 9.12 11.81
CA ASN A 138 -5.24 9.42 12.62
C ASN A 138 -6.51 9.28 11.81
N THR A 139 -6.43 9.37 10.50
CA THR A 139 -7.66 9.18 9.75
C THR A 139 -7.76 7.77 9.16
N ASN A 140 -6.88 6.86 9.62
CA ASN A 140 -6.85 5.49 9.11
C ASN A 140 -6.78 5.35 7.58
N SER A 141 -5.90 6.12 6.98
CA SER A 141 -5.69 6.03 5.54
C SER A 141 -5.19 4.61 5.14
N GLU A 142 -5.48 4.21 3.90
CA GLU A 142 -5.04 2.93 3.36
C GLU A 142 -3.53 2.86 3.49
N LEU A 143 -2.85 3.99 3.22
CA LEU A 143 -1.40 4.05 3.26
C LEU A 143 -0.82 3.76 4.64
N ALA A 144 -1.46 4.29 5.68
CA ALA A 144 -1.01 4.05 7.03
C ALA A 144 -1.23 2.58 7.39
N LEU A 145 -2.34 1.98 6.95
CA LEU A 145 -2.58 0.56 7.25
C LEU A 145 -1.55 -0.35 6.57
N MET A 146 -1.23 -0.02 5.32
CA MET A 146 -0.35 -0.74 4.46
C MET A 146 1.09 -0.74 4.98
N TYR A 147 1.52 0.38 5.58
CA TYR A 147 2.87 0.54 6.11
C TYR A 147 2.93 0.64 7.63
N ASN A 148 1.94 0.12 8.34
CA ASN A 148 2.02 0.04 9.82
C ASN A 148 2.36 1.35 10.56
N ASP A 149 1.93 2.49 10.00
CA ASP A 149 2.15 3.80 10.63
C ASP A 149 3.64 4.22 10.65
N GLU A 150 4.50 3.52 9.92
CA GLU A 150 5.91 3.82 9.97
C GLU A 150 6.35 4.49 8.66
N SER A 151 6.85 5.73 8.74
CA SER A 151 7.34 6.43 7.57
C SER A 151 6.36 6.15 6.42
N VAL A 152 5.10 6.43 6.69
CA VAL A 152 4.04 6.03 5.79
C VAL A 152 4.25 6.62 4.42
N LEU A 153 4.34 7.94 4.34
CA LEU A 153 4.48 8.54 3.03
C LEU A 153 5.81 8.17 2.33
N GLU A 154 6.88 8.18 3.10
CA GLU A 154 8.18 7.90 2.56
C GLU A 154 8.19 6.46 2.03
N ASN A 155 7.59 5.48 2.71
CA ASN A 155 7.42 4.16 2.04
C ASN A 155 6.62 4.26 0.70
N HIS A 156 5.55 5.03 0.70
CA HIS A 156 4.77 5.23 -0.50
C HIS A 156 5.54 5.92 -1.66
N HIS A 157 6.39 6.90 -1.35
CA HIS A 157 7.20 7.57 -2.36
C HIS A 157 8.14 6.56 -3.06
N LEU A 158 8.71 5.63 -2.30
CA LEU A 158 9.52 4.57 -2.85
C LEU A 158 8.71 3.65 -3.73
N ALA A 159 7.62 3.08 -3.21
CA ALA A 159 6.79 2.17 -4.00
C ALA A 159 6.44 2.83 -5.35
N VAL A 160 5.93 4.06 -5.30
CA VAL A 160 5.57 4.75 -6.54
C VAL A 160 6.75 5.03 -7.52
N GLY A 161 7.80 5.66 -7.03
CA GLY A 161 8.96 5.94 -7.86
C GLY A 161 9.46 4.71 -8.56
N PHE A 162 9.54 3.59 -7.84
CA PHE A 162 10.02 2.37 -8.41
C PHE A 162 8.99 1.68 -9.34
N LYS A 163 7.75 1.68 -8.92
CA LYS A 163 6.68 1.11 -9.68
C LYS A 163 6.63 1.67 -11.11
N LEU A 164 6.98 2.94 -11.26
CA LEU A 164 6.88 3.63 -12.53
C LEU A 164 7.97 3.21 -13.51
N LEU A 165 9.01 2.56 -13.02
CA LEU A 165 10.01 1.97 -13.91
C LEU A 165 9.33 0.97 -14.82
N GLN A 166 8.22 0.37 -14.38
CA GLN A 166 7.59 -0.72 -15.16
C GLN A 166 6.66 -0.27 -16.29
N GLU A 167 6.36 1.02 -16.34
CA GLU A 167 5.54 1.61 -17.40
C GLU A 167 6.25 1.48 -18.74
N GLU A 168 5.48 1.34 -19.82
CA GLU A 168 6.11 1.21 -21.15
C GLU A 168 7.16 2.30 -21.32
N HIS A 169 8.36 1.88 -21.69
CA HIS A 169 9.47 2.77 -22.04
C HIS A 169 10.00 3.60 -20.85
N CYS A 170 9.83 3.10 -19.64
CA CYS A 170 10.19 3.87 -18.47
C CYS A 170 11.33 3.32 -17.65
N ASP A 171 11.81 2.14 -18.01
CA ASP A 171 12.82 1.53 -17.17
C ASP A 171 14.18 2.15 -17.35
N ILE A 172 14.44 3.27 -16.66
CA ILE A 172 15.73 3.91 -16.81
C ILE A 172 16.88 3.08 -16.22
N PHE A 173 16.56 2.00 -15.50
CA PHE A 173 17.60 1.12 -14.93
C PHE A 173 17.74 -0.19 -15.71
N MET A 174 17.03 -0.29 -16.82
CA MET A 174 17.01 -1.50 -17.60
C MET A 174 18.42 -2.04 -17.88
N ASN A 175 19.38 -1.14 -18.07
CA ASN A 175 20.72 -1.56 -18.47
C ASN A 175 21.76 -1.70 -17.36
N LEU A 176 21.33 -1.47 -16.12
CA LEU A 176 22.13 -1.82 -14.95
C LEU A 176 22.25 -3.34 -14.79
N THR A 177 23.36 -3.81 -14.22
CA THR A 177 23.47 -5.22 -13.82
C THR A 177 22.54 -5.51 -12.65
N LYS A 178 22.23 -6.79 -12.43
CA LYS A 178 21.34 -7.15 -11.35
C LYS A 178 21.97 -6.65 -10.07
N LYS A 179 23.29 -6.74 -9.99
CA LYS A 179 23.92 -6.30 -8.76
C LYS A 179 23.78 -4.78 -8.54
N GLN A 180 24.03 -4.01 -9.58
CA GLN A 180 23.93 -2.56 -9.48
C GLN A 180 22.53 -2.17 -9.03
N ARG A 181 21.54 -2.83 -9.62
CA ARG A 181 20.16 -2.57 -9.35
C ARG A 181 19.80 -2.83 -7.87
N GLN A 182 20.26 -3.94 -7.29
CA GLN A 182 19.93 -4.18 -5.90
C GLN A 182 20.68 -3.19 -5.02
N THR A 183 21.89 -2.81 -5.41
CA THR A 183 22.61 -1.83 -4.59
C THR A 183 21.93 -0.44 -4.70
N LEU A 184 21.54 -0.06 -5.93
CA LEU A 184 20.85 1.22 -6.08
C LEU A 184 19.56 1.22 -5.25
N ARG A 185 18.75 0.17 -5.33
CA ARG A 185 17.48 0.10 -4.57
C ARG A 185 17.73 0.28 -3.05
N LYS A 186 18.74 -0.40 -2.52
CA LYS A 186 19.07 -0.29 -1.11
C LYS A 186 19.47 1.14 -0.74
N MET A 187 20.23 1.79 -1.61
CA MET A 187 20.68 3.14 -1.24
C MET A 187 19.53 4.17 -1.33
N VAL A 188 18.68 4.06 -2.35
CA VAL A 188 17.56 4.97 -2.51
C VAL A 188 16.56 4.79 -1.34
N ILE A 189 16.20 3.55 -1.03
CA ILE A 189 15.38 3.27 0.14
C ILE A 189 15.94 3.96 1.39
N ASP A 190 17.22 3.76 1.66
CA ASP A 190 17.84 4.37 2.81
C ASP A 190 17.72 5.93 2.75
N MET A 191 17.95 6.53 1.59
CA MET A 191 17.91 7.95 1.46
C MET A 191 16.49 8.51 1.58
N VAL A 192 15.51 7.80 1.04
CA VAL A 192 14.17 8.36 1.04
C VAL A 192 13.57 8.19 2.42
N LEU A 193 13.89 7.07 3.07
CA LEU A 193 13.40 6.89 4.45
C LEU A 193 13.98 7.98 5.34
N ALA A 194 15.18 8.43 5.03
CA ALA A 194 15.81 9.48 5.84
C ALA A 194 15.22 10.87 5.65
N THR A 195 14.34 11.04 4.66
CA THR A 195 13.69 12.34 4.53
C THR A 195 12.48 12.51 5.46
N ASP A 196 12.17 11.47 6.23
CA ASP A 196 11.09 11.53 7.25
C ASP A 196 11.59 12.38 8.42
N MET A 197 10.95 13.52 8.64
CA MET A 197 11.42 14.50 9.64
C MET A 197 11.49 13.91 11.04
N SER A 198 10.75 12.84 11.31
CA SER A 198 10.78 12.26 12.64
C SER A 198 12.13 11.66 12.94
N LYS A 199 12.96 11.50 11.91
CA LYS A 199 14.33 10.97 12.07
C LYS A 199 15.35 12.12 12.15
N HIS A 200 14.91 13.37 12.05
CA HIS A 200 15.89 14.46 11.93
C HIS A 200 16.92 14.48 13.03
N MET A 201 16.47 14.35 14.27
CA MET A 201 17.37 14.38 15.43
C MET A 201 18.35 13.17 15.48
N SER A 202 17.89 11.96 15.15
CA SER A 202 18.86 10.84 15.10
C SER A 202 19.86 11.05 13.97
N LEU A 203 19.40 11.54 12.83
CA LEU A 203 20.33 11.86 11.74
C LEU A 203 21.38 12.84 12.22
N LEU A 204 20.91 13.89 12.87
CA LEU A 204 21.80 14.94 13.23
C LEU A 204 22.83 14.44 14.26
N ALA A 205 22.40 13.63 15.25
CA ALA A 205 23.37 13.14 16.22
C ALA A 205 24.44 12.31 15.56
N ASP A 206 24.03 11.47 14.63
CA ASP A 206 25.01 10.65 13.93
C ASP A 206 25.94 11.52 13.05
N LEU A 207 25.40 12.55 12.41
CA LEU A 207 26.26 13.46 11.62
C LEU A 207 27.28 14.17 12.51
N LYS A 208 26.89 14.49 13.73
CA LYS A 208 27.85 15.12 14.61
C LYS A 208 29.01 14.21 14.98
N THR A 209 28.71 12.94 15.24
CA THR A 209 29.74 11.93 15.52
C THR A 209 30.68 11.82 14.32
N MET A 210 30.11 11.64 13.13
CA MET A 210 30.91 11.70 11.91
C MET A 210 31.84 12.95 11.85
N VAL A 211 31.31 14.13 12.15
CA VAL A 211 32.11 15.34 12.08
C VAL A 211 33.28 15.26 13.05
N GLU A 212 32.97 14.86 14.28
CA GLU A 212 33.94 14.90 15.35
C GLU A 212 35.13 13.95 15.14
N THR A 213 34.95 12.89 14.35
CA THR A 213 36.05 11.94 14.10
C THR A 213 36.43 11.85 12.61
N LYS A 214 36.12 12.89 11.84
CA LYS A 214 36.45 12.94 10.42
C LYS A 214 37.96 13.05 10.14
N LYS A 215 38.33 12.63 8.94
CA LYS A 215 39.70 12.70 8.45
C LYS A 215 39.67 13.22 7.01
N VAL A 216 40.62 14.09 6.69
CA VAL A 216 40.66 14.71 5.37
C VAL A 216 42.02 14.46 4.81
N THR A 217 42.10 14.17 3.52
CA THR A 217 43.37 13.84 2.90
C THR A 217 44.30 15.03 2.88
N SER A 218 45.54 14.75 2.49
CA SER A 218 46.53 15.76 2.16
C SER A 218 45.92 16.91 1.36
N SER A 219 45.19 16.56 0.29
CA SER A 219 44.49 17.56 -0.51
C SER A 219 43.63 18.43 0.41
N GLY A 220 42.61 17.80 1.00
CA GLY A 220 41.69 18.44 1.94
C GLY A 220 40.33 17.75 1.85
N VAL A 221 40.33 16.52 1.33
CA VAL A 221 39.09 15.87 0.93
C VAL A 221 38.70 14.77 1.92
N LEU A 222 37.43 14.77 2.33
CA LEU A 222 36.96 13.77 3.28
C LEU A 222 37.38 12.34 2.96
N LEU A 223 37.83 11.63 3.97
CA LEU A 223 38.17 10.22 3.81
C LEU A 223 37.01 9.36 4.26
N LEU A 224 36.32 8.74 3.30
CA LEU A 224 35.17 7.90 3.66
C LEU A 224 35.52 6.43 3.51
N ASP A 225 35.88 5.85 4.65
CA ASP A 225 36.40 4.50 4.73
C ASP A 225 35.62 3.42 4.01
N ASN A 226 34.33 3.30 4.31
CA ASN A 226 33.53 2.17 3.85
C ASN A 226 32.12 2.53 3.32
N TYR A 227 31.32 1.51 3.00
CA TYR A 227 29.98 1.75 2.45
C TYR A 227 29.17 2.50 3.48
N THR A 228 29.18 2.00 4.71
CA THR A 228 28.48 2.59 5.84
C THR A 228 28.72 4.11 5.99
N ASP A 229 29.97 4.55 5.90
CA ASP A 229 30.30 5.96 5.97
C ASP A 229 29.71 6.71 4.76
N ARG A 230 29.81 6.15 3.57
CA ARG A 230 29.30 6.84 2.40
C ARG A 230 27.79 7.00 2.40
N ILE A 231 27.06 5.95 2.73
CA ILE A 231 25.60 6.08 2.63
C ILE A 231 25.11 7.04 3.75
N GLN A 232 25.85 7.11 4.83
CA GLN A 232 25.49 8.07 5.86
C GLN A 232 25.67 9.53 5.38
N VAL A 233 26.81 9.84 4.76
CA VAL A 233 26.93 11.18 4.21
C VAL A 233 25.80 11.41 3.24
N LEU A 234 25.50 10.40 2.43
CA LEU A 234 24.47 10.56 1.40
C LEU A 234 23.09 10.78 2.00
N ARG A 235 22.74 10.05 3.04
CA ARG A 235 21.40 10.25 3.55
C ARG A 235 21.31 11.65 4.17
N ASN A 236 22.41 12.15 4.72
CA ASN A 236 22.40 13.48 5.27
C ASN A 236 22.34 14.56 4.19
N MET A 237 23.05 14.31 3.10
CA MET A 237 23.02 15.20 1.97
C MET A 237 21.59 15.38 1.45
N VAL A 238 20.87 14.28 1.28
CA VAL A 238 19.52 14.41 0.75
C VAL A 238 18.60 15.12 1.75
N HIS A 239 18.70 14.79 3.03
CA HIS A 239 17.90 15.45 4.08
C HIS A 239 18.25 16.95 4.04
N CYS A 240 19.54 17.27 3.93
CA CYS A 240 19.92 18.68 3.79
C CYS A 240 19.27 19.37 2.60
N ALA A 241 19.23 18.69 1.45
CA ALA A 241 18.67 19.28 0.25
C ALA A 241 17.19 19.48 0.50
N ASP A 242 16.55 18.50 1.14
CA ASP A 242 15.10 18.60 1.45
C ASP A 242 14.88 19.83 2.35
N LEU A 243 15.91 20.13 3.15
CA LEU A 243 15.83 21.28 4.11
C LEU A 243 16.61 22.49 3.64
N SER A 244 16.74 22.65 2.34
CA SER A 244 17.60 23.72 1.83
C SER A 244 16.84 24.99 1.50
N ASN A 245 15.50 24.97 1.51
CA ASN A 245 14.81 26.18 1.09
C ASN A 245 15.34 27.41 1.86
N PRO A 246 15.55 27.25 3.17
CA PRO A 246 15.87 28.50 3.87
C PRO A 246 17.28 29.01 3.60
N THR A 247 18.12 28.20 2.96
CA THR A 247 19.50 28.61 2.68
C THR A 247 19.63 29.25 1.28
N LYS A 248 18.51 29.45 0.59
CA LYS A 248 18.49 30.00 -0.77
C LYS A 248 18.24 31.50 -0.72
N SER A 249 18.57 32.23 -1.77
CA SER A 249 18.25 33.65 -1.77
C SER A 249 16.86 33.90 -1.23
N LEU A 250 16.70 34.99 -0.51
CA LEU A 250 15.44 35.40 0.01
C LEU A 250 14.31 35.45 -1.04
N GLU A 251 14.62 35.88 -2.25
CA GLU A 251 13.63 35.87 -3.33
C GLU A 251 13.00 34.47 -3.50
N LEU A 252 13.84 33.45 -3.48
CA LEU A 252 13.33 32.07 -3.56
C LEU A 252 12.66 31.56 -2.28
N TYR A 253 13.31 31.74 -1.13
CA TYR A 253 12.73 31.24 0.13
C TYR A 253 11.35 31.81 0.48
N ARG A 254 11.11 33.07 0.14
CA ARG A 254 9.79 33.65 0.40
C ARG A 254 8.72 32.91 -0.38
N GLN A 255 9.07 32.44 -1.58
CA GLN A 255 8.12 31.68 -2.38
C GLN A 255 7.91 30.29 -1.78
N TRP A 256 8.99 29.66 -1.31
CA TRP A 256 8.86 28.33 -0.74
C TRP A 256 8.01 28.39 0.52
N THR A 257 8.20 29.45 1.31
CA THR A 257 7.45 29.72 2.53
C THR A 257 5.98 29.89 2.25
N ASP A 258 5.65 30.70 1.26
CA ASP A 258 4.22 30.89 0.95
C ASP A 258 3.57 29.58 0.61
N ARG A 259 4.29 28.74 -0.13
CA ARG A 259 3.77 27.47 -0.57
C ARG A 259 3.52 26.48 0.58
N ILE A 260 4.51 26.28 1.45
CA ILE A 260 4.36 25.28 2.50
C ILE A 260 3.30 25.77 3.49
N MET A 261 3.27 27.08 3.76
CA MET A 261 2.24 27.64 4.62
C MET A 261 0.85 27.37 4.06
N GLU A 262 0.69 27.53 2.76
CA GLU A 262 -0.63 27.28 2.13
C GLU A 262 -0.96 25.78 2.20
N GLU A 263 0.03 24.93 2.00
CA GLU A 263 -0.24 23.49 2.15
C GLU A 263 -0.56 23.15 3.66
N PHE A 264 0.18 23.72 4.60
CA PHE A 264 -0.15 23.48 6.00
C PHE A 264 -1.61 23.94 6.27
N PHE A 265 -1.95 25.16 5.86
CA PHE A 265 -3.29 25.66 6.12
C PHE A 265 -4.35 24.72 5.53
N GLN A 266 -4.07 24.15 4.37
CA GLN A 266 -5.04 23.25 3.72
C GLN A 266 -5.24 21.99 4.57
N GLN A 267 -4.15 21.44 5.13
CA GLN A 267 -4.30 20.32 6.07
C GLN A 267 -5.09 20.72 7.33
N GLY A 268 -4.78 21.88 7.88
CA GLY A 268 -5.55 22.38 9.03
C GLY A 268 -7.03 22.50 8.76
N ASP A 269 -7.41 22.83 7.53
CA ASP A 269 -8.83 23.00 7.29
C ASP A 269 -9.48 21.65 7.28
N LYS A 270 -8.76 20.65 6.76
CA LYS A 270 -9.30 19.30 6.77
C LYS A 270 -9.39 18.78 8.20
N GLU A 271 -8.41 19.15 9.01
CA GLU A 271 -8.45 18.80 10.42
C GLU A 271 -9.62 19.49 11.11
N ARG A 272 -9.74 20.81 10.96
CA ARG A 272 -10.87 21.53 11.55
C ARG A 272 -12.18 20.90 11.09
N GLU A 273 -12.32 20.68 9.79
CA GLU A 273 -13.56 20.16 9.23
C GLU A 273 -13.91 18.82 9.84
N ARG A 274 -12.90 18.09 10.33
CA ARG A 274 -13.12 16.73 10.83
C ARG A 274 -13.22 16.69 12.34
N GLY A 275 -13.17 17.84 12.99
CA GLY A 275 -13.24 17.87 14.44
C GLY A 275 -11.93 17.45 15.06
N MET A 276 -10.83 17.58 14.33
CA MET A 276 -9.56 17.16 14.88
C MET A 276 -8.75 18.32 15.48
N GLU A 277 -7.92 18.03 16.47
CA GLU A 277 -6.96 19.02 16.87
C GLU A 277 -6.12 19.47 15.64
N ILE A 278 -5.83 20.77 15.52
CA ILE A 278 -5.12 21.27 14.36
C ILE A 278 -3.62 21.21 14.62
N SER A 279 -2.88 20.59 13.71
CA SER A 279 -1.44 20.44 13.89
C SER A 279 -0.76 21.78 13.98
N PRO A 280 0.45 21.82 14.56
CA PRO A 280 1.13 23.13 14.64
C PRO A 280 1.45 23.69 13.26
N MET A 281 1.35 25.01 13.15
CA MET A 281 1.57 25.80 11.96
C MET A 281 0.52 25.56 10.91
N CYS A 282 -0.53 24.79 11.22
CA CYS A 282 -1.56 24.44 10.25
C CYS A 282 -2.91 25.15 10.42
N ASP A 283 -2.97 26.05 11.39
CA ASP A 283 -4.20 26.78 11.71
C ASP A 283 -4.07 28.22 11.20
N LYS A 284 -4.67 28.51 10.06
CA LYS A 284 -4.52 29.83 9.42
C LYS A 284 -4.98 30.95 10.34
N HIS A 285 -5.95 30.67 11.18
CA HIS A 285 -6.45 31.69 12.09
C HIS A 285 -5.45 32.09 13.17
N THR A 286 -4.45 31.26 13.41
CA THR A 286 -3.56 31.56 14.53
C THR A 286 -2.08 31.58 14.17
N ALA A 287 -1.72 31.09 13.00
CA ALA A 287 -0.28 30.97 12.72
C ALA A 287 0.41 32.33 12.58
N SER A 288 1.70 32.35 12.82
CA SER A 288 2.54 33.53 12.64
C SER A 288 3.77 33.06 11.93
N VAL A 289 3.84 33.39 10.66
CA VAL A 289 4.87 32.88 9.83
C VAL A 289 6.25 33.30 10.34
N GLU A 290 6.37 34.57 10.71
CA GLU A 290 7.64 35.14 11.10
C GLU A 290 8.17 34.48 12.35
N LYS A 291 7.34 34.39 13.39
CA LYS A 291 7.74 33.75 14.61
C LYS A 291 8.10 32.31 14.27
N SER A 292 7.27 31.65 13.47
CA SER A 292 7.59 30.29 13.15
C SER A 292 8.95 30.17 12.42
N GLN A 293 9.26 31.16 11.59
CA GLN A 293 10.48 31.08 10.77
C GLN A 293 11.67 31.03 11.67
N VAL A 294 11.69 31.93 12.64
CA VAL A 294 12.84 32.02 13.49
C VAL A 294 13.03 30.72 14.27
N GLY A 295 11.94 30.26 14.89
CA GLY A 295 12.00 29.01 15.64
C GLY A 295 12.45 27.82 14.81
N PHE A 296 11.94 27.73 13.58
CA PHE A 296 12.24 26.63 12.68
C PHE A 296 13.69 26.68 12.25
N ILE A 297 14.18 27.86 11.94
CA ILE A 297 15.59 28.00 11.61
C ILE A 297 16.51 27.74 12.83
N ASP A 298 16.21 28.33 14.00
CA ASP A 298 17.06 28.12 15.17
C ASP A 298 17.07 26.65 15.70
N TYR A 299 15.96 25.95 15.55
CA TYR A 299 15.83 24.67 16.22
C TYR A 299 16.12 23.53 15.25
N ILE A 300 15.82 23.72 13.96
CA ILE A 300 15.88 22.60 13.00
C ILE A 300 16.96 22.87 11.92
N VAL A 301 16.85 24.01 11.20
CA VAL A 301 17.62 24.18 9.96
C VAL A 301 19.05 24.57 10.19
N HIS A 302 19.27 25.57 11.01
CA HIS A 302 20.63 25.98 11.34
C HIS A 302 21.49 24.91 12.05
N PRO A 303 20.94 24.20 13.07
CA PRO A 303 21.77 23.16 13.68
C PRO A 303 22.27 22.10 12.67
N LEU A 304 21.39 21.68 11.76
CA LEU A 304 21.80 20.78 10.68
C LEU A 304 22.83 21.40 9.73
N TRP A 305 22.54 22.58 9.16
CA TRP A 305 23.46 23.15 8.15
C TRP A 305 24.81 23.53 8.79
N GLU A 306 24.77 23.88 10.06
CA GLU A 306 26.01 24.18 10.73
C GLU A 306 26.85 22.91 10.83
N THR A 307 26.21 21.76 10.97
CA THR A 307 27.00 20.51 11.04
C THR A 307 27.49 20.06 9.67
N TRP A 308 26.65 20.20 8.65
CA TRP A 308 27.05 19.93 7.31
C TRP A 308 28.22 20.84 6.95
N ALA A 309 28.11 22.13 7.27
CA ALA A 309 29.23 23.06 7.02
C ALA A 309 30.54 22.61 7.69
N ASP A 310 30.41 21.99 8.86
CA ASP A 310 31.54 21.41 9.55
C ASP A 310 32.13 20.27 8.71
N LEU A 311 31.27 19.33 8.36
CA LEU A 311 31.70 18.18 7.61
C LEU A 311 32.54 18.62 6.42
N VAL A 312 32.03 19.56 5.65
CA VAL A 312 32.66 19.92 4.39
C VAL A 312 33.38 21.26 4.40
N GLN A 313 33.85 21.72 5.55
CA GLN A 313 34.42 23.07 5.62
C GLN A 313 35.61 23.29 4.68
N PRO A 314 35.77 24.52 4.15
CA PRO A 314 34.92 25.70 4.32
C PRO A 314 33.86 25.85 3.22
N ASP A 315 33.66 24.77 2.46
CA ASP A 315 32.74 24.78 1.30
C ASP A 315 31.35 25.44 1.49
N ALA A 316 30.67 25.11 2.59
CA ALA A 316 29.29 25.61 2.79
C ALA A 316 29.14 26.95 3.51
N GLN A 317 30.20 27.74 3.61
CA GLN A 317 30.13 29.02 4.33
C GLN A 317 29.08 29.96 3.74
N ASP A 318 28.99 30.08 2.43
CA ASP A 318 28.02 31.00 1.84
C ASP A 318 26.58 30.57 2.16
N ILE A 319 26.35 29.26 2.09
CA ILE A 319 25.06 28.69 2.48
C ILE A 319 24.65 29.09 3.89
N LEU A 320 25.57 28.90 4.83
CA LEU A 320 25.33 29.28 6.21
C LEU A 320 25.06 30.79 6.31
N ASP A 321 25.80 31.61 5.56
CA ASP A 321 25.62 33.07 5.61
C ASP A 321 24.24 33.50 5.12
N THR A 322 23.82 32.95 3.99
CA THR A 322 22.49 33.25 3.48
C THR A 322 21.44 32.86 4.52
N LEU A 323 21.59 31.68 5.11
CA LEU A 323 20.62 31.15 6.09
C LEU A 323 20.46 32.12 7.25
N GLU A 324 21.58 32.61 7.76
CA GLU A 324 21.57 33.60 8.84
C GLU A 324 20.96 34.94 8.44
N ASP A 325 21.20 35.39 7.19
CA ASP A 325 20.55 36.60 6.65
C ASP A 325 19.03 36.37 6.56
N ASN A 326 18.60 35.25 5.99
CA ASN A 326 17.17 35.04 5.86
C ASN A 326 16.54 34.99 7.28
N ARG A 327 17.20 34.37 8.25
CA ARG A 327 16.63 34.33 9.60
C ARG A 327 16.45 35.72 10.17
N ASN A 328 17.47 36.57 10.02
CA ASN A 328 17.41 37.93 10.52
C ASN A 328 16.38 38.80 9.77
N TRP A 329 16.15 38.49 8.50
CA TRP A 329 15.10 39.15 7.76
C TRP A 329 13.73 38.92 8.41
N TYR A 330 13.39 37.66 8.72
CA TYR A 330 12.11 37.37 9.40
C TYR A 330 12.12 37.84 10.85
N GLN A 331 13.25 37.68 11.54
CA GLN A 331 13.33 38.19 12.89
C GLN A 331 12.94 39.68 12.96
N ALA A 332 13.31 40.44 11.94
CA ALA A 332 13.17 41.91 12.03
C ALA A 332 11.72 42.36 11.95
N MET A 333 10.86 41.46 11.48
CA MET A 333 9.42 41.65 11.40
C MET A 333 8.72 41.40 12.76
N ILE A 334 9.47 41.02 13.78
CA ILE A 334 8.86 40.58 15.02
C ILE A 334 9.00 41.65 16.03
N PRO A 335 7.86 42.12 16.56
CA PRO A 335 7.85 43.24 17.50
C PRO A 335 8.82 43.03 18.66
N GLN A 345 12.19 28.48 25.93
CA GLN A 345 12.81 28.09 24.67
C GLN A 345 12.46 26.66 24.28
N ASN A 346 12.44 25.77 25.25
CA ASN A 346 11.95 24.43 25.00
C ASN A 346 10.45 24.51 24.84
N ARG A 347 9.79 25.19 25.79
CA ARG A 347 8.37 25.49 25.71
C ARG A 347 8.05 26.08 24.34
N ASP A 348 8.93 26.96 23.86
CA ASP A 348 8.73 27.58 22.56
C ASP A 348 8.88 26.60 21.39
N CYS A 349 9.74 25.60 21.55
CA CYS A 349 10.01 24.64 20.47
C CYS A 349 9.01 23.49 20.47
N GLN A 350 8.07 23.53 21.40
CA GLN A 350 7.15 22.44 21.56
C GLN A 350 6.27 22.18 20.33
N GLY A 351 6.03 23.21 19.50
CA GLY A 351 5.12 23.08 18.39
C GLY A 351 5.83 22.26 17.35
N LEU A 352 7.08 22.63 17.10
CA LEU A 352 7.93 21.86 16.18
C LEU A 352 8.10 20.39 16.60
N MET A 353 8.29 20.15 17.90
CA MET A 353 8.41 18.77 18.37
C MET A 353 7.13 18.00 18.06
N GLU A 354 5.99 18.61 18.34
CA GLU A 354 4.69 17.99 18.09
C GLU A 354 4.50 17.76 16.58
N LYS A 355 4.88 18.75 15.78
CA LYS A 355 4.68 18.61 14.36
C LYS A 355 5.58 17.56 13.74
N PHE A 356 6.83 17.52 14.17
CA PHE A 356 7.75 16.58 13.57
C PHE A 356 7.82 15.18 14.25
N GLN A 357 7.35 15.04 15.48
CA GLN A 357 7.23 13.72 16.14
C GLN A 357 8.56 12.98 16.17
N PHE A 358 9.60 13.61 16.70
CA PHE A 358 10.91 12.97 16.71
C PHE A 358 10.92 11.59 17.37
N GLU A 359 11.38 10.56 16.64
CA GLU A 359 11.43 9.18 17.17
C GLU A 359 12.76 8.83 17.86
N LEU A 360 12.72 8.55 19.15
CA LEU A 360 13.90 8.08 19.92
C LEU A 360 14.52 6.76 19.38
N THR A 361 15.85 6.62 19.44
CA THR A 361 16.56 5.42 18.92
C THR A 361 17.68 4.97 19.86
N SER B 2 -26.28 -42.76 -2.02
CA SER B 2 -27.26 -43.31 -1.04
C SER B 2 -28.12 -42.19 -0.37
N ILE B 3 -29.34 -42.06 -0.92
CA ILE B 3 -30.45 -41.20 -0.44
C ILE B 3 -30.24 -39.70 -0.17
N SER B 4 -30.64 -38.86 -1.11
CA SER B 4 -30.42 -37.44 -0.90
C SER B 4 -31.43 -36.71 0.05
N ARG B 5 -31.27 -36.87 1.37
CA ARG B 5 -31.97 -35.96 2.28
C ARG B 5 -31.05 -34.78 2.53
N PHE B 6 -29.76 -35.06 2.39
CA PHE B 6 -28.73 -34.07 2.53
C PHE B 6 -28.21 -33.82 1.13
N GLY B 7 -29.10 -34.05 0.17
CA GLY B 7 -28.80 -33.73 -1.21
C GLY B 7 -27.54 -34.37 -1.71
N VAL B 8 -27.04 -35.37 -0.98
CA VAL B 8 -25.79 -36.02 -1.37
C VAL B 8 -25.74 -37.54 -1.12
N ASN B 9 -24.86 -38.22 -1.84
CA ASN B 9 -24.62 -39.66 -1.58
C ASN B 9 -23.77 -39.88 -0.33
N THR B 10 -24.19 -40.79 0.53
CA THR B 10 -23.43 -41.05 1.73
C THR B 10 -23.62 -42.51 2.14
N GLU B 11 -22.60 -43.07 2.81
CA GLU B 11 -22.70 -44.37 3.46
C GLU B 11 -22.58 -44.21 4.97
N ASN B 12 -22.57 -42.96 5.43
CA ASN B 12 -22.51 -42.65 6.86
C ASN B 12 -23.42 -41.48 7.18
N GLU B 13 -24.73 -41.73 7.08
CA GLU B 13 -25.74 -40.69 7.28
C GLU B 13 -25.72 -40.20 8.72
N ASP B 14 -25.61 -41.15 9.64
CA ASP B 14 -25.44 -40.89 11.06
C ASP B 14 -24.26 -39.96 11.36
N HIS B 15 -23.09 -40.24 10.79
CA HIS B 15 -21.94 -39.34 11.02
C HIS B 15 -22.08 -38.04 10.27
N LEU B 16 -22.76 -38.06 9.12
CA LEU B 16 -22.96 -36.79 8.38
C LEU B 16 -23.92 -35.88 9.13
N ALA B 17 -25.06 -36.43 9.53
CA ALA B 17 -26.04 -35.72 10.33
C ALA B 17 -25.40 -35.13 11.59
N LYS B 18 -24.69 -35.97 12.34
CA LYS B 18 -23.99 -35.52 13.54
C LYS B 18 -23.11 -34.30 13.25
N GLU B 19 -22.31 -34.37 12.19
CA GLU B 19 -21.49 -33.20 11.81
C GLU B 19 -22.34 -31.95 11.49
N LEU B 20 -23.46 -32.13 10.79
CA LEU B 20 -24.30 -30.98 10.38
C LEU B 20 -25.10 -30.42 11.54
N GLU B 21 -25.11 -31.12 12.67
CA GLU B 21 -25.61 -30.50 13.90
C GLU B 21 -24.90 -29.15 14.20
N ASP B 22 -23.66 -28.99 13.75
CA ASP B 22 -22.91 -27.76 13.99
C ASP B 22 -23.03 -26.84 12.79
N LEU B 23 -24.12 -26.96 12.06
CA LEU B 23 -24.29 -26.12 10.86
C LEU B 23 -24.16 -24.64 11.18
N ASN B 24 -24.78 -24.22 12.28
CA ASN B 24 -24.83 -22.81 12.63
C ASN B 24 -23.67 -22.32 13.45
N LYS B 25 -22.61 -23.13 13.54
CA LYS B 25 -21.48 -22.89 14.43
C LYS B 25 -20.14 -22.69 13.71
N TRP B 26 -19.32 -21.82 14.28
CA TRP B 26 -17.99 -21.58 13.74
C TRP B 26 -17.17 -22.87 13.79
N GLY B 27 -17.43 -23.70 14.79
CA GLY B 27 -16.65 -24.91 15.00
C GLY B 27 -17.03 -26.11 14.16
N LEU B 28 -17.85 -25.91 13.14
CA LEU B 28 -18.22 -26.98 12.24
C LEU B 28 -16.98 -27.48 11.49
N ASN B 29 -16.94 -28.77 11.18
CA ASN B 29 -15.80 -29.32 10.46
C ASN B 29 -16.08 -29.74 9.02
N ILE B 30 -15.76 -28.88 8.05
CA ILE B 30 -16.08 -29.15 6.63
C ILE B 30 -15.24 -30.33 6.05
N PHE B 31 -14.09 -30.63 6.66
CA PHE B 31 -13.34 -31.80 6.21
C PHE B 31 -14.14 -33.04 6.44
N ASN B 32 -14.81 -33.07 7.58
CA ASN B 32 -15.62 -34.23 7.91
C ASN B 32 -16.90 -34.31 7.05
N VAL B 33 -17.56 -33.18 6.82
CA VAL B 33 -18.73 -33.15 5.96
C VAL B 33 -18.28 -33.69 4.64
N ALA B 34 -17.11 -33.26 4.16
CA ALA B 34 -16.53 -33.72 2.91
C ALA B 34 -16.36 -35.25 2.89
N GLY B 35 -15.68 -35.78 3.89
CA GLY B 35 -15.42 -37.23 3.97
C GLY B 35 -16.69 -38.08 4.02
N TYR B 36 -17.79 -37.50 4.50
CA TYR B 36 -19.03 -38.28 4.54
C TYR B 36 -20.03 -37.89 3.44
N SER B 37 -19.58 -37.20 2.40
CA SER B 37 -20.46 -36.73 1.31
C SER B 37 -19.95 -37.07 -0.08
N HIS B 38 -19.05 -38.04 -0.16
CA HIS B 38 -18.31 -38.39 -1.39
C HIS B 38 -17.69 -37.18 -2.06
N ASN B 39 -17.02 -36.39 -1.24
CA ASN B 39 -16.46 -35.08 -1.63
C ASN B 39 -17.42 -34.20 -2.41
N ARG B 40 -18.60 -34.03 -1.83
CA ARG B 40 -19.59 -33.06 -2.27
C ARG B 40 -19.82 -32.06 -1.15
N PRO B 41 -18.74 -31.56 -0.54
CA PRO B 41 -18.97 -30.68 0.59
C PRO B 41 -19.72 -29.42 0.17
N LEU B 42 -19.44 -28.91 -1.02
CA LEU B 42 -20.12 -27.69 -1.46
C LEU B 42 -21.65 -27.87 -1.59
N THR B 43 -22.06 -28.85 -2.37
CA THR B 43 -23.45 -29.19 -2.50
C THR B 43 -24.08 -29.50 -1.14
N CYS B 44 -23.39 -30.33 -0.36
CA CYS B 44 -23.99 -30.81 0.88
C CYS B 44 -24.30 -29.65 1.80
N ILE B 45 -23.31 -28.77 2.01
CA ILE B 45 -23.42 -27.62 2.92
C ILE B 45 -24.38 -26.54 2.37
N MET B 46 -24.34 -26.31 1.07
CA MET B 46 -25.25 -25.33 0.50
C MET B 46 -26.70 -25.85 0.63
N TYR B 47 -26.90 -27.13 0.41
CA TYR B 47 -28.24 -27.66 0.52
C TYR B 47 -28.75 -27.48 1.96
N ALA B 48 -27.88 -27.75 2.94
CA ALA B 48 -28.26 -27.62 4.35
C ALA B 48 -28.52 -26.16 4.72
N ILE B 49 -27.62 -25.28 4.28
CA ILE B 49 -27.75 -23.85 4.52
C ILE B 49 -29.10 -23.30 3.99
N PHE B 50 -29.43 -23.58 2.74
CA PHE B 50 -30.66 -23.05 2.21
C PHE B 50 -31.90 -23.64 2.94
N GLN B 51 -31.91 -24.93 3.29
CA GLN B 51 -33.12 -25.51 3.99
C GLN B 51 -33.25 -24.84 5.36
N GLU B 52 -32.12 -24.74 6.04
CA GLU B 52 -32.02 -24.07 7.33
C GLU B 52 -32.49 -22.62 7.33
N ARG B 53 -32.29 -21.91 6.23
CA ARG B 53 -32.77 -20.53 6.11
C ARG B 53 -34.06 -20.46 5.30
N ASP B 54 -34.69 -21.59 5.07
CA ASP B 54 -35.91 -21.64 4.27
C ASP B 54 -35.74 -20.74 3.03
N LEU B 55 -34.54 -20.74 2.45
CA LEU B 55 -34.26 -19.97 1.23
C LEU B 55 -34.88 -20.57 -0.01
N LEU B 56 -34.95 -21.90 -0.10
CA LEU B 56 -35.62 -22.57 -1.21
C LEU B 56 -37.12 -22.27 -1.27
N LYS B 57 -37.73 -22.10 -0.09
CA LYS B 57 -39.11 -21.65 0.07
C LYS B 57 -39.28 -20.22 -0.40
N THR B 58 -38.54 -19.33 0.22
CA THR B 58 -38.68 -17.92 -0.01
C THR B 58 -38.52 -17.56 -1.49
N PHE B 59 -37.67 -18.30 -2.20
CA PHE B 59 -37.33 -17.93 -3.57
C PHE B 59 -37.80 -18.91 -4.66
N ARG B 60 -38.68 -19.83 -4.23
CA ARG B 60 -39.27 -20.89 -5.05
C ARG B 60 -38.28 -21.59 -5.99
N ILE B 61 -37.24 -22.12 -5.36
CA ILE B 61 -36.23 -22.95 -6.03
C ILE B 61 -36.50 -24.41 -5.70
N SER B 62 -36.76 -25.23 -6.71
CA SER B 62 -36.91 -26.66 -6.48
C SER B 62 -35.61 -27.32 -6.01
N SER B 63 -35.78 -28.33 -5.15
CA SER B 63 -34.71 -29.18 -4.64
C SER B 63 -33.80 -29.69 -5.78
N ASP B 64 -34.44 -30.14 -6.88
CA ASP B 64 -33.76 -30.66 -8.06
C ASP B 64 -32.97 -29.53 -8.76
N THR B 65 -33.64 -28.42 -9.10
CA THR B 65 -32.97 -27.24 -9.67
C THR B 65 -31.73 -26.90 -8.83
N PHE B 66 -31.92 -26.78 -7.52
CA PHE B 66 -30.85 -26.42 -6.60
C PHE B 66 -29.71 -27.46 -6.56
N ILE B 67 -30.03 -28.75 -6.39
CA ILE B 67 -28.94 -29.75 -6.31
C ILE B 67 -28.23 -29.85 -7.67
N THR B 68 -29.00 -29.74 -8.75
CA THR B 68 -28.42 -29.77 -10.08
C THR B 68 -27.46 -28.59 -10.25
N TYR B 69 -27.87 -27.40 -9.84
CA TYR B 69 -26.97 -26.26 -10.04
C TYR B 69 -25.72 -26.44 -9.18
N MET B 70 -25.94 -26.68 -7.89
CA MET B 70 -24.83 -26.85 -6.94
C MET B 70 -23.88 -27.95 -7.39
N MET B 71 -24.43 -29.04 -7.92
CA MET B 71 -23.61 -30.15 -8.43
C MET B 71 -22.68 -29.63 -9.55
N THR B 72 -23.23 -28.78 -10.41
CA THR B 72 -22.52 -28.32 -11.57
C THR B 72 -21.49 -27.33 -11.11
N LEU B 73 -21.87 -26.49 -10.17
CA LEU B 73 -20.96 -25.48 -9.67
C LEU B 73 -19.78 -26.20 -9.00
N GLU B 74 -20.08 -27.17 -8.13
CA GLU B 74 -19.03 -27.97 -7.45
C GLU B 74 -18.10 -28.67 -8.48
N ASP B 75 -18.67 -29.23 -9.55
CA ASP B 75 -17.84 -29.77 -10.65
C ASP B 75 -16.92 -28.72 -11.30
N HIS B 76 -17.19 -27.43 -11.10
CA HIS B 76 -16.37 -26.41 -11.74
C HIS B 76 -15.19 -25.85 -10.88
N TYR B 77 -15.13 -26.21 -9.61
CA TYR B 77 -13.93 -26.09 -8.81
C TYR B 77 -13.01 -27.27 -9.15
N HIS B 78 -11.72 -27.02 -9.40
CA HIS B 78 -10.79 -28.06 -9.83
C HIS B 78 -10.34 -28.96 -8.65
N SER B 79 -10.73 -30.22 -8.64
CA SER B 79 -10.33 -31.11 -7.55
C SER B 79 -8.80 -31.32 -7.43
N ASP B 80 -8.06 -31.07 -8.49
CA ASP B 80 -6.60 -31.22 -8.47
C ASP B 80 -5.86 -29.93 -8.08
N VAL B 81 -6.60 -28.91 -7.67
CA VAL B 81 -5.98 -27.74 -7.05
C VAL B 81 -6.09 -27.86 -5.53
N ALA B 82 -4.96 -27.77 -4.85
CA ALA B 82 -4.86 -28.13 -3.44
C ALA B 82 -5.76 -27.32 -2.49
N TYR B 83 -5.95 -26.04 -2.76
CA TYR B 83 -6.64 -25.18 -1.82
C TYR B 83 -7.94 -24.63 -2.39
N HIS B 84 -7.86 -23.95 -3.54
CA HIS B 84 -9.05 -23.36 -4.15
C HIS B 84 -9.89 -24.39 -4.91
N ASN B 85 -10.34 -25.40 -4.18
CA ASN B 85 -11.24 -26.40 -4.68
C ASN B 85 -12.57 -26.25 -3.91
N SER B 86 -13.46 -27.23 -4.04
CA SER B 86 -14.84 -27.03 -3.55
C SER B 86 -14.95 -27.08 -2.01
N LEU B 87 -14.00 -27.74 -1.36
CA LEU B 87 -13.96 -27.68 0.09
C LEU B 87 -13.82 -26.21 0.50
N HIS B 88 -12.96 -25.46 -0.19
CA HIS B 88 -12.76 -24.04 0.20
C HIS B 88 -14.05 -23.26 0.04
N ALA B 89 -14.69 -23.44 -1.09
CA ALA B 89 -15.91 -22.70 -1.35
C ALA B 89 -16.96 -23.06 -0.28
N ALA B 90 -17.03 -24.34 0.08
CA ALA B 90 -18.03 -24.74 1.07
C ALA B 90 -17.74 -24.04 2.38
N ASP B 91 -16.46 -23.98 2.71
CA ASP B 91 -16.06 -23.45 3.98
C ASP B 91 -16.49 -22.00 4.02
N VAL B 92 -16.27 -21.29 2.91
CA VAL B 92 -16.49 -19.86 2.92
C VAL B 92 -18.00 -19.59 2.96
N ALA B 93 -18.75 -20.44 2.28
CA ALA B 93 -20.22 -20.32 2.29
C ALA B 93 -20.70 -20.56 3.71
N GLN B 94 -20.25 -21.65 4.34
CA GLN B 94 -20.68 -21.91 5.72
C GLN B 94 -20.26 -20.82 6.71
N SER B 95 -19.08 -20.24 6.50
CA SER B 95 -18.63 -19.19 7.39
C SER B 95 -19.49 -17.93 7.20
N THR B 96 -19.86 -17.63 5.96
CA THR B 96 -20.70 -16.50 5.71
C THR B 96 -22.07 -16.73 6.43
N HIS B 97 -22.63 -17.92 6.23
CA HIS B 97 -23.85 -18.26 6.93
C HIS B 97 -23.76 -17.92 8.42
N VAL B 98 -22.65 -18.25 9.08
CA VAL B 98 -22.57 -17.94 10.52
C VAL B 98 -22.42 -16.45 10.76
N LEU B 99 -21.51 -15.80 10.01
CA LEU B 99 -21.36 -14.36 10.11
C LEU B 99 -22.71 -13.67 9.98
N LEU B 100 -23.54 -14.11 9.02
CA LEU B 100 -24.86 -13.52 8.80
C LEU B 100 -25.73 -13.58 10.05
N SER B 101 -25.58 -14.61 10.84
CA SER B 101 -26.44 -14.80 12.00
C SER B 101 -25.95 -14.08 13.22
N THR B 102 -24.98 -13.16 13.08
CA THR B 102 -24.37 -12.53 14.25
C THR B 102 -25.37 -11.62 14.96
N PRO B 103 -25.33 -11.61 16.29
CA PRO B 103 -26.45 -10.88 16.90
C PRO B 103 -26.53 -9.38 16.58
N ALA B 104 -25.38 -8.72 16.42
CA ALA B 104 -25.38 -7.28 16.12
C ALA B 104 -25.91 -6.92 14.72
N LEU B 105 -26.09 -7.95 13.87
CA LEU B 105 -26.65 -7.75 12.53
C LEU B 105 -28.09 -8.32 12.39
N ASP B 106 -28.67 -8.78 13.50
CA ASP B 106 -30.01 -9.39 13.48
C ASP B 106 -31.04 -8.54 12.71
N ALA B 107 -31.57 -9.11 11.63
CA ALA B 107 -32.65 -8.49 10.86
C ALA B 107 -32.23 -7.21 10.13
N VAL B 108 -30.94 -6.98 10.06
CA VAL B 108 -30.38 -5.88 9.29
C VAL B 108 -30.55 -6.07 7.77
N PHE B 109 -30.31 -7.29 7.25
CA PHE B 109 -30.36 -7.54 5.79
C PHE B 109 -31.68 -8.16 5.30
N THR B 110 -32.05 -7.92 4.04
CA THR B 110 -33.24 -8.55 3.48
C THR B 110 -32.93 -9.98 3.10
N ASP B 111 -33.95 -10.76 2.77
CA ASP B 111 -33.76 -12.13 2.37
C ASP B 111 -32.94 -12.20 1.08
N LEU B 112 -33.08 -11.19 0.24
CA LEU B 112 -32.35 -11.08 -1.02
C LEU B 112 -30.84 -10.84 -0.78
N GLU B 113 -30.52 -9.96 0.17
CA GLU B 113 -29.12 -9.72 0.52
C GLU B 113 -28.56 -11.00 1.15
N ILE B 114 -29.38 -11.68 1.95
CA ILE B 114 -28.88 -12.90 2.58
C ILE B 114 -28.55 -13.94 1.51
N LEU B 115 -29.47 -14.12 0.58
CA LEU B 115 -29.30 -15.07 -0.52
C LEU B 115 -28.09 -14.71 -1.36
N ALA B 116 -28.00 -13.43 -1.74
CA ALA B 116 -26.85 -12.96 -2.52
C ALA B 116 -25.51 -13.26 -1.82
N ALA B 117 -25.45 -13.03 -0.51
CA ALA B 117 -24.16 -13.17 0.19
C ALA B 117 -23.71 -14.63 0.18
N ILE B 118 -24.64 -15.54 0.45
CA ILE B 118 -24.32 -16.96 0.49
C ILE B 118 -24.00 -17.47 -0.91
N PHE B 119 -24.68 -16.91 -1.91
CA PHE B 119 -24.42 -17.31 -3.28
C PHE B 119 -23.03 -16.86 -3.71
N ALA B 120 -22.73 -15.59 -3.50
CA ALA B 120 -21.40 -15.07 -3.73
C ALA B 120 -20.31 -15.93 -3.02
N ALA B 121 -20.50 -16.30 -1.75
CA ALA B 121 -19.46 -17.11 -1.09
C ALA B 121 -19.25 -18.42 -1.83
N ALA B 122 -20.35 -19.04 -2.25
CA ALA B 122 -20.30 -20.35 -2.88
C ALA B 122 -19.57 -20.30 -4.23
N ILE B 123 -19.79 -19.22 -4.99
CA ILE B 123 -19.16 -19.15 -6.33
C ILE B 123 -17.81 -18.42 -6.38
N HIS B 124 -17.38 -17.84 -5.27
CA HIS B 124 -16.40 -16.75 -5.35
C HIS B 124 -15.03 -17.15 -5.88
N ASP B 125 -14.70 -18.44 -5.90
CA ASP B 125 -13.41 -18.90 -6.41
C ASP B 125 -13.62 -19.96 -7.52
N VAL B 126 -14.81 -20.01 -8.14
CA VAL B 126 -15.09 -21.12 -9.05
C VAL B 126 -14.22 -21.14 -10.30
N ASP B 127 -13.77 -22.34 -10.67
CA ASP B 127 -12.90 -22.57 -11.82
C ASP B 127 -11.55 -21.91 -11.66
N HIS B 128 -11.14 -21.69 -10.41
CA HIS B 128 -9.81 -21.21 -10.08
C HIS B 128 -8.75 -22.20 -10.60
N PRO B 129 -7.77 -21.73 -11.36
CA PRO B 129 -6.73 -22.64 -11.87
C PRO B 129 -5.60 -22.89 -10.88
N GLY B 130 -5.64 -22.31 -9.70
CA GLY B 130 -4.52 -22.51 -8.73
C GLY B 130 -3.28 -21.64 -8.98
N VAL B 131 -3.43 -20.50 -9.65
CA VAL B 131 -2.25 -19.60 -9.85
C VAL B 131 -2.87 -18.23 -9.70
N SER B 132 -2.07 -17.26 -9.33
CA SER B 132 -2.59 -15.92 -9.01
C SER B 132 -2.93 -15.08 -10.24
N ASN B 133 -3.62 -13.97 -9.99
CA ASN B 133 -3.83 -12.92 -10.99
C ASN B 133 -2.53 -12.47 -11.63
N GLN B 134 -1.59 -12.12 -10.79
CA GLN B 134 -0.31 -11.66 -11.36
C GLN B 134 0.35 -12.75 -12.24
N PHE B 135 0.26 -14.02 -11.83
CA PHE B 135 0.85 -15.08 -12.69
C PHE B 135 0.19 -15.04 -14.06
N LEU B 136 -1.15 -14.92 -14.05
CA LEU B 136 -1.92 -14.99 -15.27
C LEU B 136 -1.57 -13.83 -16.20
N ILE B 137 -1.43 -12.65 -15.61
CA ILE B 137 -1.03 -11.46 -16.33
C ILE B 137 0.38 -11.55 -16.90
N ASN B 138 1.31 -12.10 -16.14
CA ASN B 138 2.68 -12.16 -16.68
C ASN B 138 2.84 -13.21 -17.74
N THR B 139 1.98 -14.22 -17.73
CA THR B 139 2.07 -15.25 -18.77
C THR B 139 1.07 -15.02 -19.92
N ASN B 140 0.50 -13.81 -19.96
CA ASN B 140 -0.50 -13.44 -20.98
C ASN B 140 -1.67 -14.41 -21.08
N SER B 141 -2.22 -14.85 -19.97
CA SER B 141 -3.37 -15.75 -20.07
C SER B 141 -4.50 -15.06 -20.84
N GLU B 142 -5.31 -15.86 -21.53
CA GLU B 142 -6.49 -15.33 -22.16
C GLU B 142 -7.44 -14.65 -21.17
N LEU B 143 -7.47 -15.11 -19.91
CA LEU B 143 -8.28 -14.44 -18.89
C LEU B 143 -7.81 -13.03 -18.58
N ALA B 144 -6.49 -12.87 -18.49
CA ALA B 144 -5.97 -11.55 -18.20
C ALA B 144 -6.25 -10.63 -19.38
N LEU B 145 -6.20 -11.16 -20.62
CA LEU B 145 -6.46 -10.32 -21.78
C LEU B 145 -7.93 -9.92 -21.82
N MET B 146 -8.79 -10.87 -21.53
CA MET B 146 -10.22 -10.70 -21.54
C MET B 146 -10.69 -9.64 -20.52
N TYR B 147 -10.00 -9.57 -19.39
CA TYR B 147 -10.40 -8.66 -18.30
C TYR B 147 -9.41 -7.54 -18.06
N ASN B 148 -8.62 -7.16 -19.07
CA ASN B 148 -7.68 -6.02 -18.94
C ASN B 148 -6.83 -6.03 -17.65
N ASP B 149 -6.51 -7.23 -17.16
CA ASP B 149 -5.59 -7.39 -16.07
C ASP B 149 -6.19 -6.93 -14.74
N GLU B 150 -7.51 -6.70 -14.68
CA GLU B 150 -8.07 -6.18 -13.43
C GLU B 150 -8.92 -7.27 -12.76
N SER B 151 -8.61 -7.59 -11.52
CA SER B 151 -9.32 -8.64 -10.80
C SER B 151 -9.65 -9.76 -11.78
N VAL B 152 -8.61 -10.25 -12.44
CA VAL B 152 -8.78 -11.20 -13.52
C VAL B 152 -9.60 -12.38 -13.06
N LEU B 153 -9.15 -13.07 -12.03
CA LEU B 153 -9.84 -14.27 -11.62
C LEU B 153 -11.23 -14.02 -11.00
N GLU B 154 -11.34 -12.94 -10.24
CA GLU B 154 -12.59 -12.59 -9.65
C GLU B 154 -13.65 -12.29 -10.72
N ASN B 155 -13.29 -11.57 -11.77
CA ASN B 155 -14.25 -11.43 -12.87
C ASN B 155 -14.66 -12.81 -13.51
N HIS B 156 -13.69 -13.69 -13.64
CA HIS B 156 -13.94 -14.99 -14.19
C HIS B 156 -14.84 -15.86 -13.28
N HIS B 157 -14.64 -15.78 -11.95
CA HIS B 157 -15.49 -16.51 -10.99
C HIS B 157 -16.96 -16.03 -11.15
N LEU B 158 -17.16 -14.73 -11.33
CA LEU B 158 -18.49 -14.21 -11.58
C LEU B 158 -19.07 -14.75 -12.88
N ALA B 159 -18.29 -14.73 -13.96
CA ALA B 159 -18.83 -15.17 -15.27
C ALA B 159 -19.20 -16.64 -15.22
N VAL B 160 -18.35 -17.44 -14.60
CA VAL B 160 -18.66 -18.85 -14.55
C VAL B 160 -19.88 -19.17 -13.65
N GLY B 161 -19.92 -18.61 -12.44
CA GLY B 161 -20.98 -18.89 -11.51
C GLY B 161 -22.32 -18.48 -12.07
N PHE B 162 -22.35 -17.42 -12.86
CA PHE B 162 -23.58 -16.99 -13.48
C PHE B 162 -23.90 -17.78 -14.76
N LYS B 163 -22.89 -18.10 -15.53
CA LYS B 163 -23.11 -18.79 -16.76
C LYS B 163 -23.79 -20.15 -16.49
N LEU B 164 -23.44 -20.79 -15.38
CA LEU B 164 -23.99 -22.11 -15.06
C LEU B 164 -25.50 -22.04 -14.70
N LEU B 165 -26.00 -20.85 -14.39
CA LEU B 165 -27.45 -20.72 -14.18
C LEU B 165 -28.14 -21.24 -15.41
N GLN B 166 -27.50 -21.05 -16.57
CA GLN B 166 -28.07 -21.40 -17.89
C GLN B 166 -28.00 -22.89 -18.30
N GLU B 167 -27.44 -23.73 -17.44
CA GLU B 167 -27.42 -25.17 -17.69
C GLU B 167 -28.82 -25.75 -17.55
N GLU B 168 -29.11 -26.82 -18.28
CA GLU B 168 -30.49 -27.35 -18.21
C GLU B 168 -30.77 -27.63 -16.74
N HIS B 169 -31.93 -27.15 -16.30
CA HIS B 169 -32.44 -27.39 -14.95
C HIS B 169 -31.60 -26.74 -13.85
N CYS B 170 -30.87 -25.68 -14.19
CA CYS B 170 -29.92 -25.08 -13.26
C CYS B 170 -30.26 -23.69 -12.79
N ASP B 171 -31.27 -23.07 -13.38
CA ASP B 171 -31.54 -21.69 -13.03
C ASP B 171 -32.19 -21.52 -11.67
N ILE B 172 -31.38 -21.39 -10.64
CA ILE B 172 -31.92 -21.24 -9.29
C ILE B 172 -32.52 -19.87 -9.02
N PHE B 173 -32.34 -18.93 -9.95
CA PHE B 173 -32.99 -17.61 -9.80
C PHE B 173 -34.19 -17.45 -10.74
N MET B 174 -34.54 -18.52 -11.43
CA MET B 174 -35.67 -18.49 -12.34
C MET B 174 -36.87 -17.77 -11.73
N ASN B 175 -37.08 -17.98 -10.43
CA ASN B 175 -38.30 -17.48 -9.76
C ASN B 175 -38.24 -16.08 -9.11
N LEU B 176 -37.08 -15.43 -9.22
CA LEU B 176 -36.96 -14.03 -8.83
C LEU B 176 -37.59 -13.11 -9.90
N THR B 177 -38.22 -12.02 -9.47
CA THR B 177 -38.60 -10.94 -10.37
C THR B 177 -37.36 -10.37 -11.10
N LYS B 178 -37.61 -9.72 -12.22
CA LYS B 178 -36.52 -9.16 -13.00
C LYS B 178 -35.70 -8.21 -12.13
N LYS B 179 -36.38 -7.45 -11.29
CA LYS B 179 -35.69 -6.48 -10.43
C LYS B 179 -34.77 -7.22 -9.47
N GLN B 180 -35.34 -8.13 -8.70
CA GLN B 180 -34.55 -8.95 -7.82
C GLN B 180 -33.29 -9.50 -8.50
N ARG B 181 -33.40 -10.06 -9.71
CA ARG B 181 -32.19 -10.62 -10.33
C ARG B 181 -31.13 -9.53 -10.51
N GLN B 182 -31.52 -8.41 -11.11
CA GLN B 182 -30.55 -7.36 -11.35
C GLN B 182 -29.97 -6.82 -10.05
N THR B 183 -30.76 -6.75 -8.99
CA THR B 183 -30.21 -6.33 -7.69
C THR B 183 -29.23 -7.39 -7.11
N LEU B 184 -29.63 -8.66 -7.14
CA LEU B 184 -28.77 -9.70 -6.63
C LEU B 184 -27.47 -9.71 -7.44
N ARG B 185 -27.59 -9.56 -8.75
CA ARG B 185 -26.41 -9.53 -9.63
C ARG B 185 -25.42 -8.44 -9.20
N LYS B 186 -25.91 -7.22 -9.03
CA LYS B 186 -25.07 -6.11 -8.60
C LYS B 186 -24.43 -6.43 -7.23
N MET B 187 -25.20 -7.00 -6.32
CA MET B 187 -24.62 -7.29 -5.00
C MET B 187 -23.53 -8.37 -5.09
N VAL B 188 -23.80 -9.45 -5.83
CA VAL B 188 -22.85 -10.56 -5.91
C VAL B 188 -21.57 -10.09 -6.58
N ILE B 189 -21.72 -9.32 -7.67
CA ILE B 189 -20.56 -8.74 -8.33
C ILE B 189 -19.70 -7.96 -7.33
N ASP B 190 -20.34 -7.09 -6.55
CA ASP B 190 -19.62 -6.27 -5.63
C ASP B 190 -18.89 -7.16 -4.60
N MET B 191 -19.61 -8.13 -4.03
CA MET B 191 -19.03 -9.01 -3.06
C MET B 191 -17.88 -9.87 -3.64
N VAL B 192 -17.98 -10.37 -4.86
CA VAL B 192 -16.91 -11.23 -5.33
C VAL B 192 -15.68 -10.39 -5.69
N LEU B 193 -15.90 -9.19 -6.21
CA LEU B 193 -14.74 -8.37 -6.61
C LEU B 193 -13.99 -8.02 -5.35
N ALA B 194 -14.71 -7.87 -4.24
CA ALA B 194 -14.08 -7.53 -2.97
C ALA B 194 -13.23 -8.67 -2.38
N THR B 195 -13.24 -9.84 -3.02
CA THR B 195 -12.42 -10.90 -2.48
C THR B 195 -10.99 -10.85 -3.05
N ASP B 196 -10.72 -9.86 -3.90
CA ASP B 196 -9.42 -9.68 -4.53
C ASP B 196 -8.50 -9.03 -3.49
N MET B 197 -7.46 -9.77 -3.11
CA MET B 197 -6.65 -9.35 -1.98
C MET B 197 -6.03 -8.00 -2.23
N SER B 198 -5.93 -7.61 -3.51
CA SER B 198 -5.30 -6.36 -3.80
C SER B 198 -6.16 -5.24 -3.26
N LYS B 199 -7.42 -5.55 -2.89
CA LYS B 199 -8.31 -4.51 -2.30
C LYS B 199 -8.30 -4.54 -0.75
N HIS B 200 -7.53 -5.45 -0.16
CA HIS B 200 -7.67 -5.66 1.27
C HIS B 200 -7.56 -4.40 2.10
N MET B 201 -6.50 -3.63 1.88
CA MET B 201 -6.25 -2.39 2.57
C MET B 201 -7.32 -1.27 2.33
N SER B 202 -7.82 -1.08 1.10
CA SER B 202 -8.90 -0.09 0.96
C SER B 202 -10.17 -0.54 1.68
N LEU B 203 -10.44 -1.81 1.62
CA LEU B 203 -11.60 -2.38 2.29
C LEU B 203 -11.45 -2.14 3.81
N LEU B 204 -10.27 -2.47 4.32
CA LEU B 204 -10.06 -2.33 5.72
C LEU B 204 -10.16 -0.87 6.14
N ALA B 205 -9.62 0.07 5.36
CA ALA B 205 -9.73 1.48 5.74
C ALA B 205 -11.18 1.98 5.81
N ASP B 206 -11.98 1.61 4.82
CA ASP B 206 -13.39 1.99 4.83
C ASP B 206 -14.12 1.31 6.01
N LEU B 207 -13.74 0.09 6.36
CA LEU B 207 -14.38 -0.56 7.49
C LEU B 207 -14.05 0.14 8.79
N LYS B 208 -12.80 0.55 8.97
CA LYS B 208 -12.47 1.37 10.14
C LYS B 208 -13.30 2.64 10.25
N THR B 209 -13.58 3.29 9.12
CA THR B 209 -14.48 4.46 9.11
C THR B 209 -15.88 4.04 9.52
N MET B 210 -16.37 2.96 8.91
CA MET B 210 -17.64 2.42 9.38
C MET B 210 -17.67 2.27 10.92
N VAL B 211 -16.62 1.72 11.50
CA VAL B 211 -16.61 1.51 12.95
C VAL B 211 -16.65 2.82 13.73
N GLU B 212 -15.84 3.78 13.33
CA GLU B 212 -15.85 5.12 13.93
C GLU B 212 -17.23 5.75 14.04
N THR B 213 -18.03 5.64 12.97
CA THR B 213 -19.34 6.34 12.87
C THR B 213 -20.51 5.41 13.26
N LYS B 214 -20.17 4.19 13.68
CA LYS B 214 -21.12 3.17 14.14
C LYS B 214 -22.31 3.69 14.97
N LYS B 215 -23.51 3.22 14.62
CA LYS B 215 -24.77 3.48 15.34
C LYS B 215 -25.45 2.15 15.74
N VAL B 216 -25.83 2.01 17.00
CA VAL B 216 -26.50 0.78 17.43
C VAL B 216 -27.84 1.12 18.02
N THR B 217 -28.61 0.10 18.39
CA THR B 217 -29.85 0.38 19.10
C THR B 217 -29.52 0.31 20.58
N SER B 218 -30.55 0.34 21.43
CA SER B 218 -30.30 0.29 22.87
C SER B 218 -29.94 -1.11 23.42
N SER B 219 -30.10 -2.15 22.61
CA SER B 219 -29.65 -3.48 22.99
C SER B 219 -28.27 -3.76 22.36
N GLY B 220 -28.01 -3.14 21.22
CA GLY B 220 -26.69 -3.26 20.59
C GLY B 220 -26.71 -3.78 19.17
N VAL B 221 -27.80 -3.54 18.45
CA VAL B 221 -27.88 -4.03 17.09
C VAL B 221 -27.51 -2.90 16.14
N LEU B 222 -26.49 -3.14 15.31
CA LEU B 222 -26.06 -2.14 14.36
C LEU B 222 -27.19 -1.53 13.56
N LEU B 223 -27.13 -0.23 13.34
CA LEU B 223 -28.09 0.46 12.49
C LEU B 223 -27.46 0.78 11.14
N LEU B 224 -28.06 0.29 10.06
CA LEU B 224 -27.53 0.56 8.72
C LEU B 224 -28.55 1.33 7.85
N ASP B 225 -28.30 2.62 7.67
CA ASP B 225 -29.29 3.51 7.07
C ASP B 225 -29.80 3.12 5.66
N ASN B 226 -28.89 2.72 4.79
CA ASN B 226 -29.19 2.62 3.35
C ASN B 226 -28.41 1.52 2.63
N TYR B 227 -28.70 1.35 1.34
CA TYR B 227 -28.07 0.28 0.58
C TYR B 227 -26.56 0.34 0.76
N THR B 228 -25.99 1.51 0.53
CA THR B 228 -24.55 1.70 0.56
C THR B 228 -23.90 1.13 1.82
N ASP B 229 -24.45 1.42 3.00
CA ASP B 229 -23.95 0.83 4.25
C ASP B 229 -24.13 -0.70 4.27
N ARG B 230 -25.30 -1.19 3.87
CA ARG B 230 -25.55 -2.63 3.88
C ARG B 230 -24.56 -3.44 3.02
N ILE B 231 -24.33 -3.02 1.78
CA ILE B 231 -23.46 -3.81 0.90
C ILE B 231 -21.97 -3.69 1.31
N GLN B 232 -21.62 -2.59 1.94
CA GLN B 232 -20.27 -2.47 2.45
C GLN B 232 -20.02 -3.50 3.56
N VAL B 233 -20.94 -3.58 4.54
CA VAL B 233 -20.80 -4.58 5.58
C VAL B 233 -20.73 -5.95 4.92
N LEU B 234 -21.62 -6.19 3.97
CA LEU B 234 -21.62 -7.48 3.29
C LEU B 234 -20.32 -7.79 2.54
N ARG B 235 -19.73 -6.80 1.88
CA ARG B 235 -18.53 -7.11 1.14
C ARG B 235 -17.39 -7.44 2.12
N ASN B 236 -17.36 -6.77 3.26
CA ASN B 236 -16.40 -7.09 4.28
C ASN B 236 -16.63 -8.46 4.93
N MET B 237 -17.90 -8.79 5.13
CA MET B 237 -18.25 -10.08 5.68
C MET B 237 -17.70 -11.20 4.77
N VAL B 238 -17.92 -11.07 3.47
CA VAL B 238 -17.45 -12.11 2.57
C VAL B 238 -15.92 -12.14 2.58
N HIS B 239 -15.28 -10.99 2.65
CA HIS B 239 -13.79 -10.96 2.66
C HIS B 239 -13.28 -11.61 3.97
N CYS B 240 -13.87 -11.26 5.10
CA CYS B 240 -13.59 -11.94 6.36
C CYS B 240 -13.76 -13.46 6.26
N ALA B 241 -14.88 -13.89 5.67
CA ALA B 241 -15.12 -15.32 5.55
C ALA B 241 -14.00 -15.96 4.72
N ASP B 242 -13.60 -15.31 3.63
CA ASP B 242 -12.51 -15.82 2.76
C ASP B 242 -11.19 -15.92 3.56
N LEU B 243 -11.07 -15.05 4.56
CA LEU B 243 -9.88 -14.93 5.43
C LEU B 243 -10.15 -15.50 6.83
N SER B 244 -11.01 -16.48 6.92
CA SER B 244 -11.36 -16.99 8.23
C SER B 244 -10.59 -18.26 8.64
N ASN B 245 -9.85 -18.88 7.72
CA ASN B 245 -9.14 -20.11 8.07
C ASN B 245 -8.38 -19.96 9.40
N PRO B 246 -7.59 -18.87 9.52
CA PRO B 246 -6.74 -18.73 10.71
C PRO B 246 -7.51 -18.52 12.02
N THR B 247 -8.81 -18.28 11.93
CA THR B 247 -9.62 -18.05 13.12
C THR B 247 -10.35 -19.34 13.56
N LYS B 248 -10.17 -20.43 12.80
CA LYS B 248 -10.84 -21.71 13.10
C LYS B 248 -9.97 -22.55 14.06
N SER B 249 -10.55 -23.57 14.68
CA SER B 249 -9.74 -24.43 15.53
C SER B 249 -8.41 -24.80 14.88
N LEU B 250 -7.35 -24.97 15.69
CA LEU B 250 -6.05 -25.32 15.13
C LEU B 250 -6.08 -26.58 14.25
N GLU B 251 -6.90 -27.56 14.64
CA GLU B 251 -7.04 -28.78 13.87
C GLU B 251 -7.43 -28.44 12.44
N LEU B 252 -8.42 -27.59 12.28
CA LEU B 252 -8.81 -27.10 10.96
C LEU B 252 -7.76 -26.20 10.28
N TYR B 253 -7.24 -25.20 10.97
CA TYR B 253 -6.28 -24.28 10.33
C TYR B 253 -4.98 -24.94 9.78
N ARG B 254 -4.42 -25.87 10.53
CA ARG B 254 -3.25 -26.62 10.04
C ARG B 254 -3.53 -27.30 8.71
N GLN B 255 -4.76 -27.74 8.52
CA GLN B 255 -5.10 -28.38 7.27
C GLN B 255 -5.21 -27.37 6.13
N TRP B 256 -5.80 -26.20 6.39
CA TRP B 256 -5.91 -25.15 5.37
C TRP B 256 -4.52 -24.66 5.01
N THR B 257 -3.66 -24.55 6.01
CA THR B 257 -2.29 -24.12 5.79
C THR B 257 -1.56 -25.10 4.88
N ASP B 258 -1.63 -26.41 5.17
CA ASP B 258 -0.93 -27.38 4.31
C ASP B 258 -1.36 -27.23 2.85
N ARG B 259 -2.66 -27.09 2.65
CA ARG B 259 -3.22 -26.99 1.30
C ARG B 259 -2.80 -25.69 0.56
N ILE B 260 -2.91 -24.54 1.22
CA ILE B 260 -2.56 -23.31 0.51
C ILE B 260 -1.05 -23.35 0.20
N MET B 261 -0.24 -23.84 1.13
CA MET B 261 1.20 -23.90 0.86
C MET B 261 1.50 -24.81 -0.35
N GLU B 262 0.78 -25.92 -0.44
CA GLU B 262 0.94 -26.86 -1.55
C GLU B 262 0.54 -26.18 -2.89
N GLU B 263 -0.55 -25.45 -2.87
CA GLU B 263 -0.96 -24.73 -4.10
C GLU B 263 0.09 -23.62 -4.44
N PHE B 264 0.59 -22.93 -3.43
CA PHE B 264 1.65 -21.94 -3.66
C PHE B 264 2.87 -22.63 -4.29
N PHE B 265 3.32 -23.72 -3.68
CA PHE B 265 4.54 -24.33 -4.14
C PHE B 265 4.39 -24.77 -5.61
N GLN B 266 3.20 -25.22 -5.95
CA GLN B 266 2.88 -25.65 -7.29
C GLN B 266 3.02 -24.45 -8.23
N GLN B 267 2.50 -23.29 -7.83
CA GLN B 267 2.63 -22.13 -8.70
C GLN B 267 4.12 -21.79 -8.83
N GLY B 268 4.82 -21.75 -7.71
CA GLY B 268 6.26 -21.58 -7.72
C GLY B 268 7.03 -22.49 -8.68
N ASP B 269 6.65 -23.75 -8.79
CA ASP B 269 7.40 -24.63 -9.69
C ASP B 269 7.10 -24.23 -11.11
N LYS B 270 5.90 -23.70 -11.34
CA LYS B 270 5.55 -23.28 -12.69
C LYS B 270 6.30 -22.03 -13.08
N GLU B 271 6.48 -21.14 -12.11
CA GLU B 271 7.27 -19.95 -12.29
C GLU B 271 8.75 -20.31 -12.52
N ARG B 272 9.31 -21.14 -11.65
CA ARG B 272 10.72 -21.56 -11.80
C ARG B 272 10.95 -22.21 -13.18
N GLU B 273 9.99 -23.03 -13.58
CA GLU B 273 10.09 -23.78 -14.82
C GLU B 273 10.13 -22.84 -16.03
N ARG B 274 9.54 -21.65 -15.87
CA ARG B 274 9.42 -20.68 -16.95
C ARG B 274 10.49 -19.60 -16.90
N GLY B 275 11.39 -19.69 -15.94
CA GLY B 275 12.44 -18.69 -15.78
C GLY B 275 11.91 -17.46 -15.06
N MET B 276 10.72 -17.57 -14.51
CA MET B 276 10.15 -16.41 -13.83
C MET B 276 10.72 -16.26 -12.42
N GLU B 277 10.74 -15.05 -11.90
CA GLU B 277 11.03 -14.92 -10.47
C GLU B 277 9.86 -15.54 -9.64
N ILE B 278 10.20 -16.17 -8.53
CA ILE B 278 9.19 -16.94 -7.79
C ILE B 278 8.47 -16.05 -6.82
N SER B 279 7.14 -16.10 -6.84
CA SER B 279 6.33 -15.27 -5.94
C SER B 279 6.59 -15.52 -4.46
N PRO B 280 6.39 -14.49 -3.63
CA PRO B 280 6.64 -14.75 -2.21
C PRO B 280 5.76 -15.89 -1.68
N MET B 281 6.37 -16.71 -0.82
CA MET B 281 5.76 -17.87 -0.21
C MET B 281 5.57 -19.02 -1.19
N CYS B 282 5.95 -18.86 -2.46
CA CYS B 282 5.75 -19.91 -3.46
C CYS B 282 7.00 -20.75 -3.74
N ASP B 283 8.08 -20.51 -3.01
CA ASP B 283 9.32 -21.22 -3.27
C ASP B 283 9.58 -22.31 -2.24
N LYS B 284 9.30 -23.56 -2.62
CA LYS B 284 9.33 -24.62 -1.63
C LYS B 284 10.72 -24.78 -1.03
N HIS B 285 11.78 -24.38 -1.74
CA HIS B 285 13.15 -24.50 -1.22
C HIS B 285 13.53 -23.49 -0.15
N THR B 286 12.78 -22.41 -0.03
CA THR B 286 13.15 -21.35 0.90
C THR B 286 12.02 -20.94 1.84
N ALA B 287 10.81 -21.38 1.57
CA ALA B 287 9.70 -20.88 2.37
C ALA B 287 9.80 -21.37 3.83
N SER B 288 9.20 -20.60 4.75
CA SER B 288 9.15 -20.89 6.19
C SER B 288 7.72 -20.64 6.62
N VAL B 289 6.95 -21.69 6.73
CA VAL B 289 5.56 -21.58 7.04
C VAL B 289 5.37 -20.82 8.35
N GLU B 290 6.15 -21.19 9.36
CA GLU B 290 5.98 -20.66 10.69
C GLU B 290 6.17 -19.17 10.63
N LYS B 291 7.30 -18.71 10.08
CA LYS B 291 7.54 -17.30 9.93
C LYS B 291 6.42 -16.64 9.11
N SER B 292 6.04 -17.27 8.01
CA SER B 292 5.04 -16.64 7.19
C SER B 292 3.72 -16.56 7.97
N GLN B 293 3.46 -17.54 8.84
CA GLN B 293 2.21 -17.53 9.56
C GLN B 293 2.08 -16.29 10.41
N VAL B 294 3.11 -16.03 11.22
CA VAL B 294 3.07 -14.89 12.13
C VAL B 294 2.91 -13.58 11.35
N GLY B 295 3.73 -13.40 10.33
CA GLY B 295 3.68 -12.15 9.59
C GLY B 295 2.32 -11.96 8.92
N PHE B 296 1.76 -13.05 8.41
CA PHE B 296 0.48 -13.00 7.71
C PHE B 296 -0.64 -12.66 8.69
N ILE B 297 -0.67 -13.31 9.85
CA ILE B 297 -1.67 -12.99 10.84
C ILE B 297 -1.50 -11.55 11.43
N ASP B 298 -0.28 -11.14 11.79
CA ASP B 298 -0.06 -9.80 12.31
C ASP B 298 -0.35 -8.66 11.30
N TYR B 299 -0.07 -8.89 10.03
CA TYR B 299 -0.10 -7.80 9.10
C TYR B 299 -1.44 -7.76 8.34
N ILE B 300 -2.07 -8.93 8.15
CA ILE B 300 -3.29 -9.03 7.35
C ILE B 300 -4.51 -9.49 8.16
N VAL B 301 -4.40 -10.62 8.85
CA VAL B 301 -5.60 -11.29 9.36
C VAL B 301 -6.11 -10.67 10.63
N HIS B 302 -5.20 -10.43 11.57
CA HIS B 302 -5.61 -9.81 12.81
C HIS B 302 -6.15 -8.37 12.66
N PRO B 303 -5.45 -7.49 11.88
CA PRO B 303 -6.02 -6.13 11.71
C PRO B 303 -7.46 -6.10 11.18
N LEU B 304 -7.76 -6.99 10.24
CA LEU B 304 -9.09 -7.21 9.72
C LEU B 304 -10.08 -7.74 10.78
N TRP B 305 -9.77 -8.87 11.43
CA TRP B 305 -10.71 -9.44 12.39
C TRP B 305 -10.95 -8.54 13.61
N GLU B 306 -9.91 -7.84 14.08
CA GLU B 306 -10.20 -6.93 15.20
C GLU B 306 -11.12 -5.80 14.76
N THR B 307 -11.05 -5.36 13.53
CA THR B 307 -11.99 -4.34 13.12
C THR B 307 -13.42 -4.89 13.00
N TRP B 308 -13.56 -6.06 12.43
CA TRP B 308 -14.85 -6.70 12.34
C TRP B 308 -15.39 -6.91 13.76
N ALA B 309 -14.53 -7.36 14.67
CA ALA B 309 -14.91 -7.56 16.05
C ALA B 309 -15.40 -6.26 16.69
N ASP B 310 -14.82 -5.12 16.33
CA ASP B 310 -15.30 -3.83 16.82
C ASP B 310 -16.71 -3.54 16.30
N LEU B 311 -16.87 -3.73 14.99
CA LEU B 311 -18.12 -3.47 14.35
C LEU B 311 -19.22 -4.21 15.09
N VAL B 312 -19.01 -5.49 15.37
CA VAL B 312 -20.08 -6.31 15.89
C VAL B 312 -19.92 -6.71 17.34
N GLN B 313 -19.20 -5.93 18.13
CA GLN B 313 -18.90 -6.43 19.46
C GLN B 313 -20.14 -6.62 20.36
N PRO B 314 -20.07 -7.58 21.30
CA PRO B 314 -18.93 -8.48 21.61
C PRO B 314 -18.97 -9.84 20.89
N ASP B 315 -19.70 -9.93 19.78
CA ASP B 315 -19.99 -11.20 19.13
C ASP B 315 -18.78 -12.00 18.63
N ALA B 316 -17.71 -11.32 18.19
CA ALA B 316 -16.58 -12.02 17.56
C ALA B 316 -15.38 -12.22 18.51
N GLN B 317 -15.59 -12.03 19.80
CA GLN B 317 -14.49 -12.19 20.74
C GLN B 317 -13.88 -13.60 20.76
N ASP B 318 -14.69 -14.66 20.63
CA ASP B 318 -14.07 -15.98 20.62
C ASP B 318 -13.23 -16.20 19.36
N ILE B 319 -13.74 -15.71 18.23
CA ILE B 319 -13.01 -15.76 16.98
C ILE B 319 -11.69 -15.06 17.14
N LEU B 320 -11.71 -13.88 17.74
CA LEU B 320 -10.48 -13.14 17.94
C LEU B 320 -9.56 -13.93 18.87
N ASP B 321 -10.13 -14.60 19.87
CA ASP B 321 -9.33 -15.40 20.84
C ASP B 321 -8.63 -16.58 20.17
N THR B 322 -9.35 -17.29 19.31
CA THR B 322 -8.77 -18.45 18.61
C THR B 322 -7.66 -17.99 17.66
N LEU B 323 -7.90 -16.92 16.92
CA LEU B 323 -6.88 -16.35 16.01
C LEU B 323 -5.54 -16.12 16.72
N GLU B 324 -5.62 -15.53 17.90
CA GLU B 324 -4.45 -15.21 18.66
C GLU B 324 -3.77 -16.43 19.30
N ASP B 325 -4.53 -17.46 19.69
CA ASP B 325 -3.93 -18.77 20.07
C ASP B 325 -3.22 -19.44 18.87
N ASN B 326 -3.86 -19.41 17.71
CA ASN B 326 -3.23 -20.01 16.55
C ASN B 326 -1.94 -19.26 16.22
N ARG B 327 -1.95 -17.94 16.35
CA ARG B 327 -0.74 -17.19 16.01
C ARG B 327 0.35 -17.58 16.94
N ASN B 328 -0.01 -17.72 18.22
CA ASN B 328 0.98 -18.08 19.24
C ASN B 328 1.48 -19.51 19.13
N TRP B 329 0.65 -20.39 18.60
CA TRP B 329 1.11 -21.74 18.36
C TRP B 329 2.25 -21.72 17.33
N TYR B 330 2.06 -21.03 16.20
CA TYR B 330 3.10 -20.95 15.18
C TYR B 330 4.29 -20.12 15.68
N GLN B 331 4.04 -19.04 16.43
CA GLN B 331 5.15 -18.25 16.93
C GLN B 331 6.11 -19.11 17.75
N ALA B 332 5.56 -20.13 18.41
CA ALA B 332 6.36 -20.92 19.36
C ALA B 332 7.36 -21.81 18.64
N MET B 333 7.06 -22.15 17.40
CA MET B 333 7.92 -22.94 16.53
C MET B 333 9.12 -22.14 15.96
N ILE B 334 9.16 -20.86 16.25
CA ILE B 334 10.16 -20.01 15.67
C ILE B 334 11.22 -19.81 16.69
N PRO B 335 12.46 -20.15 16.33
CA PRO B 335 13.61 -20.09 17.24
C PRO B 335 13.69 -18.76 17.99
N GLN B 345 10.47 -4.33 10.14
CA GLN B 345 9.10 -4.85 10.25
C GLN B 345 8.32 -4.62 8.97
N ASN B 346 8.36 -3.38 8.47
CA ASN B 346 7.92 -3.13 7.12
C ASN B 346 8.78 -3.98 6.18
N ARG B 347 10.10 -3.81 6.31
CA ARG B 347 11.04 -4.68 5.62
C ARG B 347 10.50 -6.12 5.75
N ASP B 348 10.08 -6.50 6.95
CA ASP B 348 9.49 -7.84 7.16
C ASP B 348 8.16 -8.05 6.38
N CYS B 349 7.47 -6.98 6.03
CA CYS B 349 6.15 -7.11 5.41
C CYS B 349 6.19 -7.03 3.88
N GLN B 350 7.38 -6.74 3.35
CA GLN B 350 7.58 -6.62 1.92
C GLN B 350 7.03 -7.82 1.12
N GLY B 351 7.18 -9.04 1.67
CA GLY B 351 6.78 -10.24 0.95
C GLY B 351 5.28 -10.24 0.71
N LEU B 352 4.52 -10.03 1.78
CA LEU B 352 3.07 -9.98 1.67
C LEU B 352 2.64 -8.82 0.78
N MET B 353 3.33 -7.68 0.85
CA MET B 353 2.93 -6.59 -0.01
C MET B 353 3.05 -6.96 -1.49
N GLU B 354 4.19 -7.53 -1.84
CA GLU B 354 4.44 -7.92 -3.21
C GLU B 354 3.48 -9.05 -3.60
N LYS B 355 3.17 -9.93 -2.65
CA LYS B 355 2.33 -11.04 -2.98
C LYS B 355 0.94 -10.53 -3.29
N PHE B 356 0.42 -9.64 -2.42
CA PHE B 356 -0.96 -9.22 -2.55
C PHE B 356 -1.18 -8.02 -3.49
N GLN B 357 -0.13 -7.28 -3.82
CA GLN B 357 -0.17 -6.13 -4.76
C GLN B 357 -1.26 -5.14 -4.39
N PHE B 358 -1.21 -4.56 -3.21
CA PHE B 358 -2.27 -3.66 -2.81
C PHE B 358 -2.45 -2.48 -3.81
N GLU B 359 -3.71 -2.25 -4.24
CA GLU B 359 -4.05 -1.15 -5.17
C GLU B 359 -4.41 0.14 -4.43
N LEU B 360 -3.59 1.19 -4.54
CA LEU B 360 -3.78 2.47 -3.78
C LEU B 360 -4.98 3.39 -4.18
N THR B 361 -6.19 2.82 -4.22
CA THR B 361 -7.44 3.52 -4.63
C THR B 361 -7.44 5.04 -4.38
ZN ZN C . 10.66 16.95 0.25
MG MG D . 8.79 13.98 2.21
O2 HBT E . 6.80 17.58 5.57
N2 HBT E . 7.38 18.65 5.58
O3 HBT E . 6.85 19.74 5.51
C13 HBT E . 8.83 18.53 5.56
C12 HBT E . 9.32 17.30 5.12
C11 HBT E . 10.68 17.14 5.02
C10 HBT E . 11.52 18.19 5.36
C9 HBT E . 11.00 19.41 5.79
C8 HBT E . 9.62 19.61 5.88
C7 HBT E . 9.07 20.90 6.36
O1 HBT E . 8.20 20.91 7.21
N1 HBT E . 9.60 22.04 5.85
C6 HBT E . 9.28 23.34 6.22
C14 HBT E . 9.67 24.50 5.51
C15 HBT E . 10.40 24.44 4.29
N3 HBT E . 10.26 25.42 3.37
O4 HBT E . 11.14 23.52 4.04
S1 HBT E . 8.38 23.69 7.63
C5 HBT E . 8.55 25.33 7.33
C4 HBT E . 7.91 26.31 8.30
C3 HBT E . 7.77 27.74 7.71
C1 HBT E . 7.58 28.74 8.86
C2 HBT E . 8.99 28.12 6.85
C17 HBT E . 9.39 27.10 5.75
C16 HBT E . 9.22 25.66 6.20
C1 GOL F . -2.63 -2.76 11.78
O1 GOL F . -3.92 -2.25 11.41
C2 GOL F . -1.54 -2.64 10.70
O2 GOL F . -1.29 -1.30 10.31
C3 GOL F . -1.67 -3.61 9.49
O3 GOL F . -2.75 -3.30 8.61
ZN ZN G . -11.51 -17.80 -1.59
MG MG H . -10.34 -15.62 -4.90
O2 HBT I . -5.16 -15.81 -3.19
N2 HBT I . -5.19 -16.21 -2.05
O3 HBT I . -4.58 -17.15 -1.62
C13 HBT I . -6.14 -15.54 -1.15
C12 HBT I . -7.26 -15.00 -1.78
C11 HBT I . -8.20 -14.39 -0.99
C10 HBT I . -8.00 -14.32 0.40
C9 HBT I . -6.86 -14.89 0.98
C8 HBT I . -5.90 -15.53 0.20
C7 HBT I . -4.66 -16.07 0.83
O1 HBT I . -3.55 -15.82 0.36
N1 HBT I . -4.76 -16.81 1.97
C6 HBT I . -3.72 -17.33 2.72
C14 HBT I . -3.92 -18.28 3.77
C15 HBT I . -5.20 -18.79 4.08
N3 HBT I . -5.33 -20.04 4.56
O4 HBT I . -6.21 -18.12 3.91
S1 HBT I . -2.08 -16.90 2.52
C5 HBT I . -1.64 -17.90 3.79
C4 HBT I . -0.19 -17.96 4.19
C3 HBT I . 0.11 -19.23 5.04
C1 HBT I . 1.49 -19.04 5.68
C2 HBT I . -0.98 -19.49 6.08
C17 HBT I . -2.41 -19.55 5.52
C16 HBT I . -2.66 -18.58 4.38
#